data_3R0I
#
_entry.id   3R0I
#
_cell.length_a   91.254
_cell.length_b   54.584
_cell.length_c   107.798
_cell.angle_alpha   90.00
_cell.angle_beta   93.17
_cell.angle_gamma   90.00
#
_symmetry.space_group_name_H-M   'P 1 21 1'
#
loop_
_entity.id
_entity.type
_entity.pdbx_description
1 polymer '1-deoxy-D-xylulose 5-phosphate reductoisomerase'
2 non-polymer 'MANGANESE (II) ION'
3 non-polymer '{(1S)-1-(3,4-difluorophenyl)-4-[hydroxy(methyl)amino]-4-oxobutyl}phosphonic acid'
4 water water
#
_entity_poly.entity_id   1
_entity_poly.type   'polypeptide(L)'
_entity_poly.pdbx_seq_one_letter_code
;MRGSHHHHHHGSMKQLTILGSTGSIGCSTLDVVRHNPEHFRVVALVAGKNVTRMVEQCLEFSPRYAVMDDEASAKLLKTM
LQQQGSRTEVLSGQQAACDMAALEDVDQVMAAIVGAAGLLPTLAAIRAGKTILLANKESLVTCGRLFMDAVKQSKAQLLP
VDSEHNAIFQSLPQPIQHNLGYADLEQNGVVSILLTGSGGPFRETPLRDLATMTPDQACRHPNWSMGRKISVDSATMMNK
GLEYIEARWLFNASASQMEVLIHPQSVIHSMVRYQDGSVLAQLGEPDMRTPIAHTMAWPNRVNSGVKPLDFCKLSALTFA
APDYDRYPCLKLAMEAFEQGQAATTALNAANEITVAAFLAQQIRFTDIAALNLSVLEKMDMREPQCVDDVLSVDANAREV
ARKEVMRLAS
;
_entity_poly.pdbx_strand_id   A,B
#
loop_
_chem_comp.id
_chem_comp.type
_chem_comp.name
_chem_comp.formula
C0K non-polymer '{(1S)-1-(3,4-difluorophenyl)-4-[hydroxy(methyl)amino]-4-oxobutyl}phosphonic acid' 'C11 H14 F2 N O5 P'
MN non-polymer 'MANGANESE (II) ION' 'Mn 2'
#
# COMPACT_ATOMS: atom_id res chain seq x y z
N MET A 13 -1.99 -26.22 9.74
CA MET A 13 -0.79 -26.01 10.63
C MET A 13 0.48 -25.89 9.79
N LYS A 14 1.12 -24.73 9.78
CA LYS A 14 2.43 -24.65 9.06
C LYS A 14 3.59 -25.22 9.89
N GLN A 15 4.37 -26.13 9.30
CA GLN A 15 5.53 -26.69 10.00
C GLN A 15 6.78 -26.00 9.49
N LEU A 16 7.65 -25.62 10.43
CA LEU A 16 8.74 -24.72 10.11
C LEU A 16 10.12 -25.36 10.38
N THR A 17 11.12 -25.10 9.50
CA THR A 17 12.53 -25.27 9.79
C THR A 17 13.08 -23.85 9.92
N ILE A 18 13.74 -23.55 11.04
CA ILE A 18 14.35 -22.26 11.14
C ILE A 18 15.85 -22.41 10.96
N LEU A 19 16.37 -21.89 9.84
CA LEU A 19 17.84 -21.83 9.65
C LEU A 19 18.35 -20.55 10.34
N GLY A 20 19.15 -20.73 11.39
CA GLY A 20 19.80 -19.61 12.06
C GLY A 20 18.94 -19.19 13.23
N SER A 21 18.55 -20.16 14.07
CA SER A 21 17.53 -19.89 15.07
C SER A 21 17.95 -18.97 16.22
N THR A 22 19.26 -18.91 16.49
CA THR A 22 19.73 -18.15 17.64
C THR A 22 20.11 -16.68 17.38
N GLY A 23 20.06 -16.21 16.14
CA GLY A 23 20.25 -14.75 15.83
C GLY A 23 18.94 -13.97 16.10
N SER A 24 18.96 -12.66 15.89
CA SER A 24 17.79 -11.84 16.18
C SER A 24 16.60 -12.24 15.31
N ILE A 25 16.85 -12.57 14.03
CA ILE A 25 15.73 -12.95 13.15
C ILE A 25 15.07 -14.27 13.60
N GLY A 26 15.93 -15.24 13.92
CA GLY A 26 15.47 -16.51 14.47
C GLY A 26 14.69 -16.36 15.76
N CYS A 27 15.18 -15.53 16.70
CA CYS A 27 14.43 -15.31 17.93
C CYS A 27 13.08 -14.63 17.64
N SER A 28 13.12 -13.62 16.74
CA SER A 28 11.92 -12.94 16.39
C SER A 28 10.94 -13.92 15.70
N THR A 29 11.44 -14.83 14.87
CA THR A 29 10.53 -15.78 14.22
C THR A 29 9.92 -16.63 15.31
N LEU A 30 10.74 -17.03 16.27
CA LEU A 30 10.21 -17.85 17.40
C LEU A 30 9.16 -17.15 18.25
N ASP A 31 9.31 -15.83 18.41
CA ASP A 31 8.31 -15.03 19.09
C ASP A 31 6.96 -15.05 18.35
N VAL A 32 6.99 -14.98 17.03
CA VAL A 32 5.75 -15.17 16.27
C VAL A 32 5.11 -16.53 16.51
N VAL A 33 5.95 -17.58 16.49
CA VAL A 33 5.49 -18.94 16.68
C VAL A 33 4.86 -19.02 18.09
N ARG A 34 5.59 -18.48 19.07
CA ARG A 34 5.22 -18.60 20.52
C ARG A 34 3.80 -18.03 20.73
N HIS A 35 3.53 -16.91 20.11
CA HIS A 35 2.19 -16.31 20.17
C HIS A 35 1.16 -16.78 19.14
N ASN A 36 1.53 -17.72 18.28
CA ASN A 36 0.57 -18.30 17.34
C ASN A 36 0.63 -19.83 17.27
N PRO A 37 0.52 -20.53 18.43
CA PRO A 37 0.77 -22.00 18.48
C PRO A 37 -0.28 -22.80 17.72
N GLU A 38 -1.41 -22.18 17.41
CA GLU A 38 -2.41 -22.87 16.59
C GLU A 38 -2.05 -22.79 15.12
N HIS A 39 -1.15 -21.92 14.73
CA HIS A 39 -0.89 -21.83 13.32
C HIS A 39 0.48 -22.36 12.92
N PHE A 40 1.46 -22.38 13.83
CA PHE A 40 2.84 -22.75 13.46
C PHE A 40 3.43 -23.70 14.47
N ARG A 41 4.26 -24.62 13.96
CA ARG A 41 4.93 -25.61 14.80
C ARG A 41 6.35 -25.74 14.24
N VAL A 42 7.32 -25.81 15.14
CA VAL A 42 8.68 -25.88 14.72
C VAL A 42 9.10 -27.31 14.66
N VAL A 43 9.56 -27.73 13.48
CA VAL A 43 10.08 -29.06 13.29
C VAL A 43 11.58 -29.17 13.49
N ALA A 44 12.34 -28.17 12.98
CA ALA A 44 13.77 -28.23 13.07
C ALA A 44 14.34 -26.83 13.39
N LEU A 45 15.37 -26.81 14.26
CA LEU A 45 16.11 -25.57 14.53
C LEU A 45 17.52 -25.86 14.11
N VAL A 46 18.11 -24.92 13.39
CA VAL A 46 19.52 -24.99 13.01
C VAL A 46 20.19 -23.72 13.50
N ALA A 47 21.34 -23.88 14.18
CA ALA A 47 22.15 -22.75 14.63
C ALA A 47 23.66 -23.04 14.41
N GLY A 48 24.51 -22.29 15.09
CA GLY A 48 25.95 -22.36 14.88
C GLY A 48 26.61 -23.00 16.09
N LYS A 49 26.99 -22.22 17.08
CA LYS A 49 27.73 -22.79 18.22
C LYS A 49 27.11 -22.35 19.54
N ASN A 50 26.01 -21.59 19.45
CA ASN A 50 25.36 -21.09 20.64
C ASN A 50 24.48 -22.17 21.29
N VAL A 51 25.12 -23.01 22.06
CA VAL A 51 24.48 -24.16 22.64
C VAL A 51 23.41 -23.74 23.64
N THR A 52 23.74 -22.73 24.45
CA THR A 52 22.89 -22.32 25.59
C THR A 52 21.51 -21.81 25.10
N ARG A 53 21.54 -20.91 24.13
CA ARG A 53 20.32 -20.40 23.60
C ARG A 53 19.58 -21.54 22.86
N MET A 54 20.30 -22.39 22.13
CA MET A 54 19.67 -23.54 21.47
C MET A 54 18.93 -24.48 22.48
N VAL A 55 19.54 -24.75 23.64
CA VAL A 55 18.88 -25.52 24.70
C VAL A 55 17.51 -24.94 25.05
N GLU A 56 17.47 -23.64 25.30
CA GLU A 56 16.22 -22.99 25.67
C GLU A 56 15.17 -23.08 24.58
N GLN A 57 15.60 -22.87 23.34
CA GLN A 57 14.66 -22.95 22.22
C GLN A 57 14.12 -24.42 22.07
N CYS A 58 15.01 -25.42 22.14
CA CYS A 58 14.54 -26.79 22.01
C CYS A 58 13.54 -27.15 23.13
N LEU A 59 13.81 -26.68 24.35
CA LEU A 59 12.92 -26.96 25.48
C LEU A 59 11.60 -26.21 25.37
N GLU A 60 11.60 -24.97 24.86
CA GLU A 60 10.29 -24.32 24.67
C GLU A 60 9.50 -24.91 23.47
N PHE A 61 10.19 -25.13 22.37
CA PHE A 61 9.47 -25.41 21.13
C PHE A 61 9.36 -26.90 20.73
N SER A 62 10.03 -27.77 21.48
CA SER A 62 10.13 -29.21 21.14
C SER A 62 10.31 -29.60 19.65
N PRO A 63 11.27 -29.00 18.94
CA PRO A 63 11.42 -29.44 17.55
C PRO A 63 11.83 -30.91 17.54
N ARG A 64 11.66 -31.59 16.40
CA ARG A 64 12.10 -32.96 16.26
C ARG A 64 13.63 -33.03 16.15
N TYR A 65 14.19 -32.01 15.52
CA TYR A 65 15.63 -31.95 15.27
C TYR A 65 16.29 -30.62 15.70
N ALA A 66 17.55 -30.67 16.11
CA ALA A 66 18.34 -29.45 16.22
C ALA A 66 19.71 -29.73 15.59
N VAL A 67 20.24 -28.78 14.83
CA VAL A 67 21.52 -28.95 14.18
C VAL A 67 22.44 -27.83 14.62
N MET A 68 23.70 -28.18 14.95
CA MET A 68 24.74 -27.24 15.29
C MET A 68 25.85 -27.31 14.23
N ASP A 69 26.80 -26.39 14.26
CA ASP A 69 27.86 -26.31 13.25
C ASP A 69 28.73 -27.51 13.25
N ASP A 70 29.06 -28.01 14.45
CA ASP A 70 30.12 -29.03 14.56
C ASP A 70 29.84 -30.07 15.62
N GLU A 71 30.65 -31.12 15.64
CA GLU A 71 30.37 -32.19 16.57
C GLU A 71 30.56 -31.73 18.05
N ALA A 72 31.50 -30.82 18.31
CA ALA A 72 31.74 -30.37 19.69
C ALA A 72 30.47 -29.67 20.25
N SER A 73 29.84 -28.80 19.47
CA SER A 73 28.62 -28.11 19.91
C SER A 73 27.46 -29.07 20.01
N ALA A 74 27.35 -29.97 19.03
CA ALA A 74 26.29 -30.96 19.01
C ALA A 74 26.34 -31.86 20.24
N LYS A 75 27.54 -32.33 20.59
CA LYS A 75 27.69 -33.12 21.81
C LYS A 75 27.34 -32.38 23.12
N LEU A 76 27.75 -31.12 23.24
CA LEU A 76 27.32 -30.31 24.40
C LEU A 76 25.80 -30.20 24.45
N LEU A 77 25.21 -29.90 23.28
CA LEU A 77 23.78 -29.69 23.17
C LEU A 77 23.03 -30.98 23.59
N LYS A 78 23.47 -32.10 23.06
CA LYS A 78 22.93 -33.42 23.39
C LYS A 78 22.90 -33.64 24.90
N THR A 79 24.04 -33.35 25.56
CA THR A 79 24.19 -33.61 27.00
C THR A 79 23.21 -32.74 27.79
N MET A 80 23.18 -31.46 27.47
CA MET A 80 22.25 -30.53 28.12
C MET A 80 20.77 -30.85 27.86
N LEU A 81 20.41 -31.25 26.63
CA LEU A 81 19.00 -31.55 26.28
C LEU A 81 18.61 -32.78 27.07
N GLN A 82 19.52 -33.75 27.05
CA GLN A 82 19.32 -34.99 27.79
C GLN A 82 19.09 -34.78 29.31
N GLN A 83 19.98 -34.08 29.99
CA GLN A 83 19.75 -33.58 31.37
C GLN A 83 18.33 -33.04 31.60
N GLN A 84 17.73 -32.37 30.61
CA GLN A 84 16.43 -31.73 30.77
C GLN A 84 15.28 -32.57 30.27
N GLY A 85 15.58 -33.79 29.82
CA GLY A 85 14.55 -34.73 29.36
C GLY A 85 14.05 -34.53 27.93
N SER A 86 14.71 -33.69 27.15
CA SER A 86 14.22 -33.37 25.82
C SER A 86 14.32 -34.56 24.85
N ARG A 87 13.34 -34.67 23.93
CA ARG A 87 13.38 -35.71 22.89
C ARG A 87 14.01 -35.25 21.56
N THR A 88 14.35 -33.96 21.51
CA THR A 88 14.93 -33.42 20.31
C THR A 88 16.13 -34.22 19.96
N GLU A 89 16.23 -34.58 18.69
CA GLU A 89 17.37 -35.27 18.14
C GLU A 89 18.40 -34.29 17.58
N VAL A 90 19.66 -34.51 17.94
CA VAL A 90 20.72 -33.55 17.65
C VAL A 90 21.62 -33.99 16.49
N LEU A 91 21.80 -33.11 15.51
CA LEU A 91 22.69 -33.39 14.40
C LEU A 91 23.75 -32.28 14.26
N SER A 92 24.69 -32.43 13.33
CA SER A 92 25.62 -31.33 13.06
C SER A 92 26.09 -31.29 11.62
N GLY A 93 26.53 -30.10 11.19
CA GLY A 93 27.24 -29.94 9.93
C GLY A 93 26.32 -29.47 8.83
N GLN A 94 26.93 -29.06 7.72
CA GLN A 94 26.18 -28.50 6.60
C GLN A 94 25.10 -29.39 5.99
N GLN A 95 25.42 -30.66 5.72
CA GLN A 95 24.50 -31.55 5.04
C GLN A 95 23.22 -31.63 5.89
N ALA A 96 23.38 -31.70 7.20
CA ALA A 96 22.26 -31.90 8.10
C ALA A 96 21.38 -30.64 8.03
N ALA A 97 22.03 -29.49 7.92
CA ALA A 97 21.29 -28.29 7.77
C ALA A 97 20.49 -28.23 6.42
N CYS A 98 21.10 -28.60 5.29
CA CYS A 98 20.36 -28.78 4.01
C CYS A 98 19.20 -29.77 4.16
N ASP A 99 19.46 -30.88 4.85
CA ASP A 99 18.45 -31.89 5.06
C ASP A 99 17.22 -31.30 5.80
N MET A 100 17.42 -30.45 6.84
CA MET A 100 16.26 -29.91 7.60
C MET A 100 15.50 -28.95 6.71
N ALA A 101 16.25 -28.29 5.83
CA ALA A 101 15.66 -27.30 4.92
C ALA A 101 14.80 -28.03 3.91
N ALA A 102 15.05 -29.32 3.72
CA ALA A 102 14.32 -30.08 2.67
C ALA A 102 13.36 -31.09 3.23
N LEU A 103 13.17 -31.11 4.56
CA LEU A 103 12.38 -32.18 5.19
C LEU A 103 10.99 -32.27 4.57
N GLU A 104 10.53 -33.50 4.41
CA GLU A 104 9.26 -33.74 3.75
C GLU A 104 8.10 -33.02 4.39
N ASP A 105 7.95 -33.05 5.71
CA ASP A 105 6.71 -32.42 6.16
C ASP A 105 6.89 -30.97 6.60
N VAL A 106 8.03 -30.38 6.26
CA VAL A 106 8.19 -28.94 6.49
C VAL A 106 7.50 -28.15 5.38
N ASP A 107 6.73 -27.13 5.76
CA ASP A 107 6.10 -26.21 4.80
C ASP A 107 6.98 -24.95 4.52
N GLN A 108 7.59 -24.40 5.57
CA GLN A 108 8.29 -23.09 5.48
C GLN A 108 9.64 -23.20 6.09
N VAL A 109 10.58 -22.54 5.42
CA VAL A 109 11.92 -22.48 5.90
C VAL A 109 12.27 -21.01 6.07
N MET A 110 12.50 -20.61 7.33
CA MET A 110 13.04 -19.28 7.62
C MET A 110 14.55 -19.38 7.26
N ALA A 111 15.00 -18.71 6.22
CA ALA A 111 16.40 -18.90 5.74
C ALA A 111 17.20 -17.73 6.32
N ALA A 112 17.55 -17.84 7.60
CA ALA A 112 18.24 -16.76 8.26
C ALA A 112 19.74 -17.02 8.54
N ILE A 113 20.32 -18.06 7.97
CA ILE A 113 21.78 -18.17 8.13
C ILE A 113 22.37 -17.21 7.11
N VAL A 114 23.26 -16.34 7.54
CA VAL A 114 23.83 -15.34 6.64
C VAL A 114 25.23 -15.73 6.11
N GLY A 115 25.76 -14.94 5.19
CA GLY A 115 27.12 -15.17 4.70
C GLY A 115 27.05 -16.35 3.74
N ALA A 116 28.20 -16.81 3.29
CA ALA A 116 28.33 -17.95 2.40
C ALA A 116 27.68 -19.22 3.00
N ALA A 117 27.64 -19.33 4.32
CA ALA A 117 27.13 -20.53 4.96
C ALA A 117 25.62 -20.68 4.73
N GLY A 118 24.96 -19.61 4.38
CA GLY A 118 23.50 -19.66 4.15
C GLY A 118 23.15 -20.13 2.74
N LEU A 119 24.12 -20.19 1.83
CA LEU A 119 23.82 -20.48 0.40
C LEU A 119 23.23 -21.88 0.14
N LEU A 120 23.96 -22.92 0.54
CA LEU A 120 23.49 -24.30 0.27
C LEU A 120 22.19 -24.72 0.99
N PRO A 121 22.08 -24.39 2.28
CA PRO A 121 20.81 -24.64 2.96
C PRO A 121 19.61 -23.90 2.37
N THR A 122 19.74 -22.62 1.94
CA THR A 122 18.66 -21.89 1.31
C THR A 122 18.37 -22.57 -0.03
N LEU A 123 19.42 -22.94 -0.77
CA LEU A 123 19.19 -23.58 -2.08
C LEU A 123 18.52 -24.94 -1.92
N ALA A 124 18.80 -25.63 -0.81
CA ALA A 124 18.19 -26.93 -0.56
C ALA A 124 16.69 -26.75 -0.27
N ALA A 125 16.33 -25.78 0.56
CA ALA A 125 14.90 -25.39 0.71
C ALA A 125 14.26 -25.01 -0.66
N ILE A 126 14.98 -24.27 -1.48
CA ILE A 126 14.38 -23.87 -2.77
C ILE A 126 14.17 -25.15 -3.63
N ARG A 127 15.16 -26.03 -3.69
CA ARG A 127 15.06 -27.15 -4.63
C ARG A 127 14.01 -28.18 -4.15
N ALA A 128 13.74 -28.16 -2.85
CA ALA A 128 12.68 -28.97 -2.28
C ALA A 128 11.32 -28.29 -2.45
N GLY A 129 11.27 -27.17 -3.12
CA GLY A 129 9.94 -26.62 -3.46
C GLY A 129 9.25 -26.02 -2.21
N LYS A 130 9.99 -25.64 -1.16
CA LYS A 130 9.36 -25.04 0.01
C LYS A 130 8.90 -23.59 -0.18
N THR A 131 8.20 -23.07 0.81
CA THR A 131 8.05 -21.65 0.97
C THR A 131 9.28 -21.18 1.79
N ILE A 132 10.04 -20.23 1.22
CA ILE A 132 11.27 -19.80 1.79
C ILE A 132 11.00 -18.40 2.29
N LEU A 133 11.08 -18.24 3.62
CA LEU A 133 11.10 -16.93 4.24
C LEU A 133 12.52 -16.39 4.10
N LEU A 134 12.76 -15.62 3.02
CA LEU A 134 14.13 -15.28 2.73
C LEU A 134 14.73 -14.21 3.62
N ALA A 135 15.70 -14.57 4.48
CA ALA A 135 16.20 -13.63 5.47
C ALA A 135 17.74 -13.53 5.44
N ASN A 136 18.36 -13.67 4.26
CA ASN A 136 19.83 -13.42 4.11
C ASN A 136 20.03 -12.72 2.74
N LYS A 137 21.00 -11.80 2.66
CA LYS A 137 21.27 -11.14 1.40
C LYS A 137 22.14 -11.94 0.43
N GLU A 138 22.99 -12.83 0.94
CA GLU A 138 23.94 -13.53 0.02
C GLU A 138 23.23 -14.32 -1.10
N SER A 139 22.08 -14.93 -0.80
CA SER A 139 21.32 -15.74 -1.79
C SER A 139 21.16 -14.95 -3.08
N LEU A 140 20.63 -13.73 -2.97
CA LEU A 140 20.33 -13.04 -4.21
C LEU A 140 21.47 -12.10 -4.59
N VAL A 141 22.24 -11.62 -3.62
CA VAL A 141 23.42 -10.74 -3.98
C VAL A 141 24.48 -11.51 -4.81
N THR A 142 24.79 -12.74 -4.41
CA THR A 142 25.81 -13.55 -5.01
C THR A 142 25.23 -14.59 -5.98
N CYS A 143 24.05 -15.13 -5.70
CA CYS A 143 23.55 -16.25 -6.50
C CYS A 143 22.18 -15.95 -7.12
N GLY A 144 21.81 -14.68 -7.30
CA GLY A 144 20.48 -14.32 -7.75
C GLY A 144 20.01 -15.07 -9.01
N ARG A 145 20.87 -15.18 -10.03
CA ARG A 145 20.44 -15.88 -11.24
C ARG A 145 20.27 -17.40 -11.01
N LEU A 146 21.27 -18.03 -10.39
CA LEU A 146 21.14 -19.43 -9.97
C LEU A 146 19.88 -19.69 -9.12
N PHE A 147 19.64 -18.83 -8.16
CA PHE A 147 18.55 -19.08 -7.21
C PHE A 147 17.21 -18.80 -7.83
N MET A 148 17.12 -17.80 -8.73
CA MET A 148 15.82 -17.50 -9.33
C MET A 148 15.48 -18.62 -10.34
N ASP A 149 16.48 -19.14 -11.03
CA ASP A 149 16.25 -20.28 -11.91
C ASP A 149 15.80 -21.50 -11.13
N ALA A 150 16.45 -21.78 -10.01
CA ALA A 150 16.05 -22.90 -9.17
C ALA A 150 14.60 -22.70 -8.60
N VAL A 151 14.22 -21.47 -8.30
CA VAL A 151 12.86 -21.19 -7.80
C VAL A 151 11.79 -21.53 -8.88
N LYS A 152 12.02 -21.03 -10.10
CA LYS A 152 11.19 -21.42 -11.23
C LYS A 152 11.15 -22.91 -11.44
N GLN A 153 12.33 -23.53 -11.55
CA GLN A 153 12.39 -24.98 -11.86
C GLN A 153 11.82 -25.82 -10.72
N SER A 154 11.88 -25.34 -9.47
CA SER A 154 11.55 -26.25 -8.37
C SER A 154 10.17 -25.90 -7.82
N LYS A 155 9.55 -24.87 -8.36
CA LYS A 155 8.27 -24.39 -7.85
C LYS A 155 8.32 -23.94 -6.34
N ALA A 156 9.35 -23.21 -5.97
CA ALA A 156 9.44 -22.70 -4.58
C ALA A 156 8.76 -21.35 -4.54
N GLN A 157 8.23 -21.00 -3.37
CA GLN A 157 7.74 -19.62 -3.11
C GLN A 157 8.75 -18.84 -2.31
N LEU A 158 9.25 -17.74 -2.84
CA LEU A 158 10.06 -16.85 -2.01
C LEU A 158 9.16 -15.81 -1.40
N LEU A 159 9.41 -15.57 -0.11
CA LEU A 159 8.76 -14.51 0.61
C LEU A 159 9.87 -13.67 1.34
N PRO A 160 10.10 -12.44 0.90
CA PRO A 160 11.21 -11.70 1.46
C PRO A 160 10.88 -11.14 2.81
N VAL A 161 11.77 -11.44 3.73
CA VAL A 161 11.65 -11.03 5.12
C VAL A 161 12.32 -9.68 5.37
N ASP A 162 13.35 -9.35 4.61
CA ASP A 162 14.03 -8.04 4.74
C ASP A 162 12.94 -6.93 4.64
N SER A 163 13.10 -5.88 5.44
CA SER A 163 12.11 -4.88 5.62
C SER A 163 11.68 -4.21 4.28
N GLU A 164 12.64 -3.71 3.50
CA GLU A 164 12.32 -3.03 2.22
C GLU A 164 11.70 -4.01 1.18
N HIS A 165 12.30 -5.18 0.96
CA HIS A 165 11.73 -6.13 0.03
C HIS A 165 10.38 -6.64 0.48
N ASN A 166 10.18 -6.80 1.80
CA ASN A 166 8.88 -7.29 2.27
C ASN A 166 7.83 -6.21 1.95
N ALA A 167 8.15 -4.96 2.23
CA ALA A 167 7.28 -3.80 1.85
C ALA A 167 6.96 -3.68 0.35
N ILE A 168 7.94 -3.89 -0.50
CA ILE A 168 7.69 -3.91 -1.97
C ILE A 168 6.69 -5.06 -2.30
N PHE A 169 6.92 -6.22 -1.67
CA PHE A 169 6.18 -7.40 -1.99
C PHE A 169 4.74 -7.16 -1.54
N GLN A 170 4.55 -6.58 -0.30
CA GLN A 170 3.18 -6.29 0.16
C GLN A 170 2.50 -5.28 -0.79
N SER A 171 3.29 -4.50 -1.51
CA SER A 171 2.76 -3.39 -2.29
C SER A 171 2.57 -3.85 -3.74
N LEU A 172 2.93 -5.09 -4.03
CA LEU A 172 2.88 -5.60 -5.44
C LEU A 172 1.50 -6.33 -5.59
N PRO A 173 0.98 -6.43 -6.79
CA PRO A 173 -0.32 -7.10 -6.95
C PRO A 173 -0.17 -8.61 -6.73
N GLN A 174 -1.29 -9.22 -6.36
CA GLN A 174 -1.38 -10.64 -6.08
C GLN A 174 -0.79 -11.56 -7.14
N PRO A 175 -1.11 -11.35 -8.44
CA PRO A 175 -0.49 -12.25 -9.40
C PRO A 175 1.04 -12.16 -9.42
N ILE A 176 1.68 -11.06 -8.95
CA ILE A 176 3.18 -11.03 -8.96
C ILE A 176 3.66 -11.77 -7.74
N GLN A 177 2.98 -11.50 -6.61
CA GLN A 177 3.35 -12.03 -5.30
C GLN A 177 3.40 -13.59 -5.40
N HIS A 178 2.43 -14.16 -6.09
CA HIS A 178 2.36 -15.61 -6.25
C HIS A 178 3.25 -16.15 -7.40
N ASN A 179 3.92 -15.30 -8.14
CA ASN A 179 4.63 -15.80 -9.34
C ASN A 179 6.00 -15.16 -9.50
N LEU A 180 6.74 -15.08 -8.41
CA LEU A 180 7.95 -14.31 -8.49
C LEU A 180 8.88 -15.09 -9.42
N GLY A 181 9.72 -14.39 -10.15
CA GLY A 181 10.57 -15.14 -11.03
C GLY A 181 9.94 -15.33 -12.40
N TYR A 182 8.62 -15.44 -12.50
CA TYR A 182 7.97 -15.32 -13.82
C TYR A 182 7.36 -13.93 -14.10
N ALA A 183 6.84 -13.26 -13.06
CA ALA A 183 5.89 -12.14 -13.32
C ALA A 183 6.56 -11.01 -14.03
N ASP A 184 5.88 -10.47 -15.05
CA ASP A 184 6.31 -9.31 -15.79
C ASP A 184 5.69 -8.09 -15.08
N LEU A 185 6.54 -7.24 -14.55
CA LEU A 185 6.09 -6.02 -13.85
C LEU A 185 5.15 -5.20 -14.78
N GLU A 186 5.64 -4.89 -15.97
CA GLU A 186 4.89 -4.13 -16.95
C GLU A 186 3.45 -4.64 -17.25
N GLN A 187 3.32 -5.96 -17.43
CA GLN A 187 2.08 -6.62 -17.76
C GLN A 187 1.11 -6.54 -16.59
N ASN A 188 1.69 -6.42 -15.40
CA ASN A 188 0.87 -6.26 -14.20
C ASN A 188 0.67 -4.81 -13.78
N GLY A 189 0.96 -3.87 -14.68
CA GLY A 189 0.65 -2.47 -14.49
C GLY A 189 1.63 -1.81 -13.53
N VAL A 190 2.78 -2.44 -13.34
CA VAL A 190 3.76 -1.85 -12.46
C VAL A 190 4.76 -1.06 -13.29
N VAL A 191 5.02 0.18 -12.91
CA VAL A 191 5.96 1.03 -13.62
C VAL A 191 7.39 0.90 -13.00
N SER A 192 7.49 0.91 -11.66
CA SER A 192 8.76 0.76 -11.01
C SER A 192 8.58 0.43 -9.59
N ILE A 193 9.70 0.05 -9.00
CA ILE A 193 9.81 -0.24 -7.61
C ILE A 193 10.63 0.87 -6.95
N LEU A 194 10.11 1.37 -5.82
CA LEU A 194 10.66 2.52 -5.16
C LEU A 194 11.31 1.98 -3.89
N LEU A 195 12.61 1.76 -3.98
CA LEU A 195 13.34 1.18 -2.89
C LEU A 195 13.86 2.33 -1.99
N THR A 196 13.37 2.44 -0.77
CA THR A 196 13.71 3.55 0.07
C THR A 196 14.81 3.15 1.05
N GLY A 197 15.62 4.14 1.42
CA GLY A 197 16.66 3.98 2.48
C GLY A 197 16.87 5.29 3.29
N SER A 198 17.42 5.17 4.49
CA SER A 198 17.47 6.28 5.40
C SER A 198 18.50 7.34 4.95
N GLY A 199 19.52 6.94 4.20
CA GLY A 199 20.58 7.86 3.77
C GLY A 199 21.78 7.88 4.75
N GLY A 200 21.62 7.19 5.89
CA GLY A 200 22.67 7.01 6.87
C GLY A 200 23.00 8.24 7.68
N PRO A 201 23.98 8.15 8.61
CA PRO A 201 24.28 9.27 9.54
C PRO A 201 24.95 10.43 8.83
N PHE A 202 25.46 10.22 7.63
CA PHE A 202 26.19 11.34 6.98
C PHE A 202 25.40 11.91 5.85
N ARG A 203 24.10 11.74 5.95
CA ARG A 203 23.23 12.24 4.92
C ARG A 203 23.44 13.72 4.63
N GLU A 204 23.74 14.51 5.64
CA GLU A 204 23.91 15.95 5.40
C GLU A 204 25.33 16.49 5.63
N THR A 205 26.26 15.61 6.02
CA THR A 205 27.70 15.96 6.09
C THR A 205 28.23 16.64 4.81
N PRO A 206 28.89 17.82 4.94
CA PRO A 206 29.48 18.34 3.70
C PRO A 206 30.40 17.26 3.14
N LEU A 207 30.40 17.07 1.82
CA LEU A 207 31.16 16.00 1.19
C LEU A 207 32.59 15.93 1.66
N ARG A 208 33.19 17.12 1.85
CA ARG A 208 34.60 17.22 2.14
C ARG A 208 34.93 16.58 3.51
N ASP A 209 33.93 16.45 4.37
CA ASP A 209 34.15 15.87 5.67
C ASP A 209 34.05 14.36 5.65
N LEU A 210 33.57 13.77 4.56
CA LEU A 210 33.43 12.31 4.49
C LEU A 210 34.77 11.62 4.72
N ALA A 211 35.86 12.24 4.21
CA ALA A 211 37.19 11.66 4.24
C ALA A 211 37.62 11.37 5.68
N THR A 212 37.07 12.11 6.64
CA THR A 212 37.64 12.05 7.97
C THR A 212 36.71 11.54 9.05
N MET A 213 35.63 10.90 8.66
CA MET A 213 34.66 10.37 9.62
C MET A 213 35.22 9.14 10.28
N THR A 214 34.85 8.91 11.54
CA THR A 214 35.46 7.84 12.31
C THR A 214 34.42 6.76 12.45
N PRO A 215 34.87 5.56 12.82
CA PRO A 215 33.94 4.47 13.07
C PRO A 215 32.83 4.85 14.08
N ASP A 216 33.16 5.53 15.19
CA ASP A 216 32.10 6.03 16.10
C ASP A 216 31.07 6.96 15.45
N GLN A 217 31.51 7.96 14.70
CA GLN A 217 30.57 8.79 13.95
C GLN A 217 29.69 8.01 12.96
N ALA A 218 30.25 6.98 12.31
CA ALA A 218 29.48 6.19 11.37
C ALA A 218 28.49 5.24 12.04
N CYS A 219 28.68 4.92 13.33
CA CYS A 219 27.87 3.89 14.00
C CYS A 219 26.99 4.46 15.12
N SER A 225 23.70 0.23 20.06
CA SER A 225 22.36 -0.33 19.74
C SER A 225 22.17 -0.79 18.26
N MET A 226 23.10 -0.43 17.35
CA MET A 226 22.84 -0.51 15.87
C MET A 226 23.26 -1.80 15.03
N GLY A 227 24.48 -2.36 15.21
CA GLY A 227 25.05 -3.45 14.35
C GLY A 227 26.16 -2.81 13.48
N ARG A 228 27.43 -2.94 13.85
CA ARG A 228 28.46 -2.04 13.29
C ARG A 228 28.69 -2.12 11.72
N LYS A 229 28.84 -3.31 11.17
CA LYS A 229 28.86 -3.55 9.74
C LYS A 229 27.67 -2.90 9.01
N ILE A 230 26.43 -3.25 9.40
CA ILE A 230 25.24 -2.76 8.64
C ILE A 230 25.09 -1.26 8.79
N SER A 231 25.54 -0.79 9.93
CA SER A 231 25.63 0.61 10.27
C SER A 231 26.59 1.34 9.28
N VAL A 232 27.76 0.78 9.04
CA VAL A 232 28.65 1.43 8.09
C VAL A 232 28.05 1.32 6.68
N ASP A 233 27.48 0.14 6.37
CA ASP A 233 26.76 -0.09 5.07
C ASP A 233 25.60 0.91 4.86
N SER A 234 25.01 1.35 5.97
CA SER A 234 23.95 2.31 5.80
C SER A 234 24.57 3.73 5.59
N ALA A 235 25.74 3.99 6.18
CA ALA A 235 26.46 5.29 5.97
C ALA A 235 26.96 5.47 4.51
N THR A 236 27.41 4.38 3.90
CA THR A 236 27.88 4.38 2.50
C THR A 236 26.75 4.14 1.52
N MET A 237 25.61 3.69 2.04
CA MET A 237 24.47 3.12 1.27
C MET A 237 24.89 1.92 0.43
N MET A 238 26.00 1.25 0.80
CA MET A 238 26.25 -0.10 0.23
C MET A 238 25.04 -1.01 0.53
N ASN A 239 24.44 -0.82 1.70
CA ASN A 239 23.25 -1.59 2.05
C ASN A 239 22.12 -1.45 1.03
N LYS A 240 21.83 -0.22 0.60
CA LYS A 240 20.78 -0.06 -0.40
C LYS A 240 21.29 -0.60 -1.74
N GLY A 241 22.61 -0.50 -1.98
CA GLY A 241 23.19 -1.03 -3.21
C GLY A 241 22.90 -2.54 -3.29
N LEU A 242 23.13 -3.27 -2.21
CA LEU A 242 22.92 -4.69 -2.20
C LEU A 242 21.40 -5.00 -2.29
N GLU A 243 20.59 -4.19 -1.59
CA GLU A 243 19.12 -4.33 -1.70
C GLU A 243 18.65 -4.09 -3.13
N TYR A 244 19.32 -3.19 -3.83
CA TYR A 244 19.00 -2.91 -5.20
C TYR A 244 19.28 -4.15 -6.07
N ILE A 245 20.50 -4.70 -5.94
CA ILE A 245 20.86 -5.97 -6.63
C ILE A 245 19.81 -7.09 -6.31
N GLU A 246 19.52 -7.28 -5.03
CA GLU A 246 18.51 -8.30 -4.71
C GLU A 246 17.15 -8.04 -5.34
N ALA A 247 16.68 -6.79 -5.25
CA ALA A 247 15.28 -6.49 -5.64
C ALA A 247 15.16 -6.80 -7.13
N ARG A 248 16.20 -6.47 -7.89
CA ARG A 248 16.12 -6.72 -9.33
C ARG A 248 15.96 -8.22 -9.71
N TRP A 249 16.63 -9.14 -9.04
CA TRP A 249 16.42 -10.57 -9.20
C TRP A 249 15.06 -10.98 -8.70
N LEU A 250 14.76 -10.57 -7.47
CA LEU A 250 13.53 -11.02 -6.83
C LEU A 250 12.26 -10.62 -7.56
N PHE A 251 12.22 -9.39 -8.05
CA PHE A 251 11.05 -8.81 -8.65
C PHE A 251 11.14 -8.72 -10.15
N ASN A 252 12.22 -9.26 -10.69
CA ASN A 252 12.40 -9.30 -12.16
C ASN A 252 12.37 -7.88 -12.72
N ALA A 253 13.06 -6.94 -12.05
CA ALA A 253 13.02 -5.52 -12.49
C ALA A 253 14.27 -5.10 -13.33
N SER A 254 14.05 -4.36 -14.41
CA SER A 254 15.14 -3.73 -15.14
C SER A 254 15.64 -2.50 -14.37
N ALA A 255 16.78 -1.93 -14.83
CA ALA A 255 17.28 -0.67 -14.32
C ALA A 255 16.21 0.44 -14.32
N SER A 256 15.47 0.59 -15.40
CA SER A 256 14.53 1.68 -15.49
C SER A 256 13.28 1.38 -14.63
N GLN A 257 13.11 0.17 -14.12
CA GLN A 257 11.98 -0.17 -13.19
C GLN A 257 12.37 -0.10 -11.69
N MET A 258 13.56 0.43 -11.40
CA MET A 258 14.07 0.59 -10.02
C MET A 258 14.30 2.10 -9.78
N GLU A 259 13.79 2.64 -8.66
CA GLU A 259 14.16 3.98 -8.23
C GLU A 259 14.62 3.81 -6.79
N VAL A 260 15.68 4.50 -6.39
CA VAL A 260 16.17 4.41 -5.05
C VAL A 260 15.87 5.82 -4.51
N LEU A 261 15.25 5.90 -3.35
CA LEU A 261 14.80 7.17 -2.79
C LEU A 261 15.31 7.25 -1.36
N ILE A 262 15.87 8.40 -0.96
CA ILE A 262 16.21 8.57 0.42
C ILE A 262 14.93 8.99 1.16
N HIS A 263 14.71 8.39 2.33
CA HIS A 263 13.59 8.68 3.16
C HIS A 263 14.10 8.59 4.61
N PRO A 264 14.44 9.75 5.21
CA PRO A 264 15.31 9.71 6.40
C PRO A 264 14.64 9.15 7.61
N GLN A 265 13.30 9.15 7.66
CA GLN A 265 12.57 8.69 8.86
C GLN A 265 12.32 7.18 8.90
N SER A 266 12.48 6.51 7.76
CA SER A 266 12.29 5.07 7.62
C SER A 266 10.94 4.60 8.09
N VAL A 267 9.89 5.41 7.96
CA VAL A 267 8.53 4.97 8.31
C VAL A 267 7.86 4.20 7.14
N ILE A 268 7.90 4.84 5.96
CA ILE A 268 7.71 4.08 4.72
C ILE A 268 8.92 3.12 4.59
N HIS A 269 8.63 1.83 4.35
CA HIS A 269 9.68 0.87 4.19
C HIS A 269 10.11 0.59 2.74
N SER A 270 9.22 0.90 1.80
CA SER A 270 9.44 0.93 0.31
C SER A 270 8.10 0.99 -0.36
N MET A 271 8.10 1.17 -1.69
CA MET A 271 6.84 1.45 -2.40
C MET A 271 6.85 0.88 -3.81
N VAL A 272 5.70 0.93 -4.43
CA VAL A 272 5.57 0.50 -5.81
C VAL A 272 4.72 1.49 -6.56
N ARG A 273 5.14 1.81 -7.79
CA ARG A 273 4.52 2.85 -8.61
C ARG A 273 3.76 2.16 -9.71
N TYR A 274 2.49 2.54 -9.91
CA TYR A 274 1.65 1.88 -10.89
C TYR A 274 1.35 2.75 -12.10
N GLN A 275 0.83 2.11 -13.11
CA GLN A 275 0.69 2.72 -14.46
C GLN A 275 -0.30 3.89 -14.45
N ASP A 276 -1.26 3.88 -13.52
CA ASP A 276 -2.29 4.90 -13.48
C ASP A 276 -1.87 6.12 -12.61
N GLY A 277 -0.67 6.06 -12.04
CA GLY A 277 -0.16 7.10 -11.17
C GLY A 277 -0.19 6.71 -9.69
N SER A 278 -1.00 5.70 -9.32
CA SER A 278 -1.00 5.20 -7.94
C SER A 278 0.35 4.72 -7.48
N VAL A 279 0.61 4.98 -6.21
CA VAL A 279 1.78 4.44 -5.56
C VAL A 279 1.29 3.70 -4.33
N LEU A 280 1.70 2.46 -4.17
CA LEU A 280 1.32 1.74 -2.95
C LEU A 280 2.56 1.65 -2.10
N ALA A 281 2.39 1.88 -0.80
CA ALA A 281 3.49 1.85 0.15
C ALA A 281 3.15 0.94 1.31
N GLN A 282 4.18 0.27 1.88
CA GLN A 282 3.99 -0.34 3.21
C GLN A 282 4.71 0.52 4.29
N LEU A 283 4.04 0.78 5.41
CA LEU A 283 4.66 1.51 6.52
C LEU A 283 4.62 0.70 7.81
N GLY A 284 5.48 1.05 8.73
CA GLY A 284 5.36 0.39 10.05
C GLY A 284 6.44 0.75 11.05
N GLU A 285 6.40 0.12 12.22
CA GLU A 285 7.47 0.23 13.27
C GLU A 285 8.73 -0.46 12.76
N PRO A 286 9.94 -0.14 13.29
CA PRO A 286 11.11 -0.89 12.81
C PRO A 286 11.23 -2.40 13.17
N ASP A 287 10.32 -2.92 13.95
CA ASP A 287 10.32 -4.28 14.48
C ASP A 287 10.21 -5.31 13.37
N MET A 288 11.22 -6.16 13.29
CA MET A 288 11.26 -7.25 12.33
C MET A 288 10.15 -8.28 12.52
N ARG A 289 9.44 -8.30 13.67
CA ARG A 289 8.35 -9.27 13.77
C ARG A 289 7.29 -8.99 12.72
N THR A 290 7.15 -7.74 12.30
CA THR A 290 6.15 -7.41 11.30
C THR A 290 6.35 -8.13 9.97
N PRO A 291 7.48 -7.90 9.27
CA PRO A 291 7.69 -8.57 8.00
C PRO A 291 7.84 -10.08 8.21
N ILE A 292 8.38 -10.52 9.34
CA ILE A 292 8.47 -11.96 9.56
C ILE A 292 7.08 -12.59 9.63
N ALA A 293 6.19 -11.98 10.41
CA ALA A 293 4.81 -12.56 10.53
C ALA A 293 4.06 -12.46 9.23
N HIS A 294 4.28 -11.34 8.52
CA HIS A 294 3.60 -11.26 7.22
C HIS A 294 3.97 -12.47 6.34
N THR A 295 5.27 -12.83 6.30
CA THR A 295 5.66 -13.96 5.41
C THR A 295 5.16 -15.30 5.96
N MET A 296 5.26 -15.47 7.29
CA MET A 296 4.80 -16.73 7.88
C MET A 296 3.30 -16.92 7.58
N ALA A 297 2.51 -15.85 7.57
CA ALA A 297 1.05 -16.04 7.51
C ALA A 297 0.56 -15.93 6.08
N TRP A 298 1.35 -15.34 5.16
CA TRP A 298 0.93 -15.03 3.80
C TRP A 298 0.19 -16.23 3.18
N PRO A 299 -0.97 -16.03 2.48
CA PRO A 299 -1.54 -14.74 2.11
C PRO A 299 -2.50 -14.18 3.17
N ASN A 300 -2.52 -14.74 4.36
CA ASN A 300 -3.35 -14.17 5.44
C ASN A 300 -2.44 -13.41 6.41
N ARG A 301 -2.94 -13.10 7.64
CA ARG A 301 -2.20 -12.30 8.63
C ARG A 301 -2.28 -12.91 10.00
N VAL A 302 -1.25 -12.72 10.82
CA VAL A 302 -1.48 -13.00 12.24
C VAL A 302 -1.00 -11.83 13.08
N ASN A 303 -1.39 -11.84 14.32
CA ASN A 303 -0.75 -10.98 15.29
C ASN A 303 0.75 -11.26 15.44
N SER A 304 1.54 -10.19 15.48
CA SER A 304 3.01 -10.31 15.55
C SER A 304 3.55 -9.81 16.91
N GLY A 305 2.66 -9.19 17.73
CA GLY A 305 3.11 -8.55 18.99
C GLY A 305 3.61 -7.11 18.80
N VAL A 306 3.67 -6.64 17.56
CA VAL A 306 4.26 -5.33 17.26
C VAL A 306 3.23 -4.23 17.59
N LYS A 307 3.70 -3.15 18.18
CA LYS A 307 2.81 -2.00 18.49
C LYS A 307 2.19 -1.40 17.17
N PRO A 308 0.85 -1.17 17.11
CA PRO A 308 0.28 -0.36 15.99
C PRO A 308 0.99 1.00 15.81
N LEU A 309 1.31 1.34 14.58
CA LEU A 309 2.09 2.52 14.29
C LEU A 309 1.24 3.74 14.70
N ASP A 310 1.80 4.64 15.47
CA ASP A 310 1.01 5.74 15.97
C ASP A 310 1.36 6.96 15.08
N PHE A 311 0.48 7.28 14.14
CA PHE A 311 0.76 8.37 13.20
C PHE A 311 0.83 9.73 13.91
N CYS A 312 0.27 9.88 15.12
CA CYS A 312 0.37 11.20 15.77
C CYS A 312 1.72 11.42 16.45
N LYS A 313 2.66 10.47 16.34
CA LYS A 313 3.93 10.61 17.03
C LYS A 313 5.11 10.36 16.08
N LEU A 314 5.01 10.81 14.84
CA LEU A 314 6.06 10.53 13.86
C LEU A 314 6.73 11.84 13.61
N SER A 315 8.00 11.85 13.21
CA SER A 315 8.61 13.04 12.55
C SER A 315 7.98 13.20 11.20
N ALA A 316 8.09 14.42 10.66
CA ALA A 316 7.57 14.72 9.36
C ALA A 316 8.25 13.77 8.36
N LEU A 317 7.48 13.22 7.39
CA LEU A 317 8.12 12.30 6.41
C LEU A 317 8.68 13.08 5.21
N THR A 318 9.95 12.81 4.87
CA THR A 318 10.60 13.52 3.79
C THR A 318 11.30 12.53 2.83
N PHE A 319 11.71 13.01 1.65
CA PHE A 319 12.28 12.21 0.59
C PHE A 319 13.31 13.04 -0.13
N ALA A 320 14.31 12.41 -0.69
CA ALA A 320 15.26 13.16 -1.49
C ALA A 320 15.96 12.17 -2.41
N ALA A 321 16.58 12.67 -3.47
CA ALA A 321 17.30 11.80 -4.43
C ALA A 321 18.70 11.52 -3.91
N PRO A 322 19.14 10.26 -4.01
CA PRO A 322 20.54 9.93 -3.66
C PRO A 322 21.52 10.67 -4.53
N ASP A 323 22.56 11.23 -3.93
CA ASP A 323 23.67 11.84 -4.65
C ASP A 323 24.82 10.81 -4.75
N TYR A 324 25.15 10.38 -5.95
CA TYR A 324 26.17 9.35 -6.14
C TYR A 324 27.63 9.81 -5.78
N ASP A 325 27.89 11.12 -5.75
CA ASP A 325 29.14 11.62 -5.17
C ASP A 325 29.17 11.46 -3.65
N ARG A 326 28.00 11.54 -3.01
CA ARG A 326 27.95 11.20 -1.59
C ARG A 326 27.91 9.69 -1.36
N TYR A 327 27.31 8.94 -2.29
CA TYR A 327 27.12 7.51 -2.11
C TYR A 327 27.70 6.66 -3.23
N PRO A 328 29.01 6.72 -3.42
CA PRO A 328 29.57 5.99 -4.58
C PRO A 328 29.36 4.51 -4.51
N CYS A 329 29.27 3.94 -3.31
CA CYS A 329 28.94 2.50 -3.19
C CYS A 329 27.61 2.11 -3.84
N LEU A 330 26.63 3.03 -3.77
CA LEU A 330 25.29 2.73 -4.27
C LEU A 330 25.39 2.64 -5.79
N LYS A 331 26.05 3.63 -6.38
CA LYS A 331 26.31 3.63 -7.83
C LYS A 331 27.13 2.39 -8.29
N LEU A 332 28.12 2.00 -7.49
CA LEU A 332 29.01 0.83 -7.75
C LEU A 332 28.15 -0.45 -7.77
N ALA A 333 27.21 -0.55 -6.83
CA ALA A 333 26.31 -1.73 -6.82
C ALA A 333 25.43 -1.84 -8.09
N MET A 334 24.88 -0.72 -8.53
CA MET A 334 24.11 -0.60 -9.76
C MET A 334 24.91 -1.02 -10.95
N GLU A 335 26.12 -0.53 -11.13
CA GLU A 335 26.97 -0.94 -12.22
C GLU A 335 27.40 -2.41 -12.08
N ALA A 336 27.76 -2.85 -10.86
CA ALA A 336 28.04 -4.29 -10.68
C ALA A 336 26.88 -5.23 -11.15
N PHE A 337 25.64 -4.83 -10.90
CA PHE A 337 24.53 -5.68 -11.37
C PHE A 337 24.60 -5.93 -12.89
N GLU A 338 24.94 -4.87 -13.65
CA GLU A 338 25.02 -4.96 -15.08
C GLU A 338 26.20 -5.80 -15.46
N GLN A 339 27.13 -6.00 -14.55
CA GLN A 339 28.31 -6.80 -14.91
C GLN A 339 28.11 -8.31 -14.54
N GLY A 340 27.08 -8.63 -13.79
CA GLY A 340 26.84 -10.02 -13.49
C GLY A 340 27.16 -10.42 -12.05
N GLN A 341 26.90 -11.69 -11.80
CA GLN A 341 27.03 -12.21 -10.48
C GLN A 341 28.48 -12.34 -10.02
N ALA A 342 29.42 -12.35 -10.95
CA ALA A 342 30.83 -12.29 -10.50
C ALA A 342 31.08 -10.93 -9.80
N ALA A 343 30.65 -9.87 -10.49
CA ALA A 343 30.80 -8.49 -10.04
C ALA A 343 30.02 -8.21 -8.72
N THR A 344 28.77 -8.63 -8.60
CA THR A 344 28.05 -8.34 -7.35
C THR A 344 28.61 -9.19 -6.23
N THR A 345 28.98 -10.44 -6.54
CA THR A 345 29.66 -11.28 -5.54
C THR A 345 31.00 -10.66 -5.09
N ALA A 346 31.78 -10.18 -6.05
CA ALA A 346 33.06 -9.56 -5.72
C ALA A 346 32.88 -8.27 -4.89
N LEU A 347 31.81 -7.51 -5.18
CA LEU A 347 31.62 -6.22 -4.52
C LEU A 347 31.29 -6.47 -3.07
N ASN A 348 30.39 -7.43 -2.88
CA ASN A 348 29.94 -7.83 -1.55
C ASN A 348 31.11 -8.30 -0.68
N ALA A 349 32.00 -9.12 -1.26
CA ALA A 349 33.09 -9.73 -0.50
C ALA A 349 34.11 -8.63 -0.17
N ALA A 350 34.43 -7.79 -1.16
CA ALA A 350 35.37 -6.69 -0.98
C ALA A 350 34.86 -5.78 0.15
N ASN A 351 33.55 -5.49 0.13
CA ASN A 351 32.98 -4.56 1.04
C ASN A 351 33.06 -5.14 2.42
N GLU A 352 32.96 -6.46 2.55
CA GLU A 352 33.12 -7.02 3.92
C GLU A 352 34.57 -6.75 4.43
N ILE A 353 35.55 -6.85 3.55
CA ILE A 353 36.91 -6.65 3.94
C ILE A 353 37.16 -5.18 4.22
N THR A 354 36.66 -4.29 3.36
CA THR A 354 37.03 -2.86 3.54
C THR A 354 36.30 -2.23 4.75
N VAL A 355 35.04 -2.68 4.99
CA VAL A 355 34.29 -2.11 6.11
C VAL A 355 35.01 -2.54 7.41
N ALA A 356 35.35 -3.82 7.48
CA ALA A 356 36.12 -4.37 8.57
C ALA A 356 37.43 -3.57 8.80
N ALA A 357 38.18 -3.26 7.73
CA ALA A 357 39.32 -2.38 7.83
C ALA A 357 39.00 -0.95 8.35
N PHE A 358 37.96 -0.33 7.80
CA PHE A 358 37.53 0.98 8.34
C PHE A 358 37.24 0.91 9.87
N LEU A 359 36.54 -0.14 10.28
CA LEU A 359 36.13 -0.33 11.66
C LEU A 359 37.30 -0.64 12.57
N ALA A 360 38.35 -1.28 12.03
CA ALA A 360 39.60 -1.54 12.78
C ALA A 360 40.55 -0.36 12.65
N GLN A 361 40.08 0.76 12.10
CA GLN A 361 40.89 2.00 12.01
C GLN A 361 42.14 1.81 11.18
N GLN A 362 42.01 1.06 10.08
CA GLN A 362 43.14 0.82 9.18
C GLN A 362 43.08 1.69 7.93
N ILE A 363 41.85 2.05 7.54
CA ILE A 363 41.62 2.86 6.35
C ILE A 363 40.57 3.90 6.70
N ARG A 364 40.55 4.97 5.89
CA ARG A 364 39.57 6.04 6.03
C ARG A 364 38.17 5.66 5.55
N PHE A 365 37.18 6.40 6.02
CA PHE A 365 35.79 6.13 5.60
C PHE A 365 35.56 6.09 4.10
N THR A 366 36.11 7.07 3.37
CA THR A 366 36.01 7.14 1.91
C THR A 366 36.84 6.07 1.17
N ASP A 367 37.76 5.39 1.85
CA ASP A 367 38.53 4.29 1.24
C ASP A 367 37.66 3.03 1.11
N ILE A 368 36.53 2.94 1.81
CA ILE A 368 35.58 1.78 1.56
C ILE A 368 35.18 1.71 0.08
N ALA A 369 34.53 2.78 -0.40
CA ALA A 369 34.06 2.89 -1.76
C ALA A 369 35.25 2.84 -2.70
N ALA A 370 36.33 3.56 -2.36
CA ALA A 370 37.50 3.60 -3.27
C ALA A 370 38.13 2.23 -3.43
N LEU A 371 38.24 1.47 -2.35
CA LEU A 371 38.88 0.16 -2.46
C LEU A 371 37.86 -0.86 -2.98
N ASN A 372 36.58 -0.66 -2.69
CA ASN A 372 35.55 -1.50 -3.29
C ASN A 372 35.69 -1.40 -4.82
N LEU A 373 35.85 -0.18 -5.31
CA LEU A 373 36.02 0.08 -6.77
C LEU A 373 37.33 -0.57 -7.26
N SER A 374 38.42 -0.33 -6.51
CA SER A 374 39.73 -0.83 -6.93
C SER A 374 39.70 -2.37 -7.07
N VAL A 375 39.02 -3.07 -6.15
CA VAL A 375 38.99 -4.52 -6.17
C VAL A 375 38.22 -4.98 -7.42
N LEU A 376 37.05 -4.36 -7.71
CA LEU A 376 36.35 -4.73 -8.94
C LEU A 376 37.17 -4.45 -10.19
N GLU A 377 37.89 -3.33 -10.22
CA GLU A 377 38.71 -2.99 -11.39
C GLU A 377 39.79 -4.04 -11.63
N LYS A 378 40.24 -4.68 -10.56
CA LYS A 378 41.34 -5.63 -10.58
C LYS A 378 40.89 -7.03 -10.87
N MET A 379 39.59 -7.29 -10.84
CA MET A 379 39.16 -8.64 -11.15
C MET A 379 38.63 -8.74 -12.58
N ASP A 380 38.62 -9.95 -13.09
CA ASP A 380 38.14 -10.21 -14.44
C ASP A 380 37.68 -11.65 -14.32
N MET A 381 36.55 -11.85 -13.65
CA MET A 381 36.07 -13.24 -13.45
C MET A 381 34.87 -13.64 -14.39
N ARG A 382 34.90 -14.86 -14.98
CA ARG A 382 33.75 -15.40 -15.73
C ARG A 382 32.45 -15.41 -14.87
N GLU A 383 31.28 -15.31 -15.50
CA GLU A 383 29.97 -15.52 -14.83
C GLU A 383 29.89 -16.91 -14.03
N PRO A 384 29.65 -16.88 -12.69
CA PRO A 384 29.51 -18.16 -11.95
C PRO A 384 28.41 -19.03 -12.55
N GLN A 385 28.62 -20.33 -12.53
CA GLN A 385 27.69 -21.29 -13.10
C GLN A 385 27.06 -22.19 -12.01
N CYS A 386 27.53 -22.05 -10.79
CA CYS A 386 27.12 -22.88 -9.70
C CYS A 386 27.64 -22.19 -8.44
N VAL A 387 27.16 -22.67 -7.30
CA VAL A 387 27.54 -22.15 -6.03
C VAL A 387 29.05 -22.15 -5.73
N ASP A 388 29.74 -23.24 -6.11
CA ASP A 388 31.14 -23.33 -5.90
C ASP A 388 31.88 -22.19 -6.64
N ASP A 389 31.44 -21.91 -7.86
CA ASP A 389 32.01 -20.78 -8.61
C ASP A 389 31.86 -19.47 -7.78
N VAL A 390 30.68 -19.29 -7.19
CA VAL A 390 30.38 -18.05 -6.46
C VAL A 390 31.32 -17.99 -5.24
N LEU A 391 31.51 -19.13 -4.54
CA LEU A 391 32.43 -19.15 -3.38
C LEU A 391 33.86 -18.79 -3.81
N SER A 392 34.23 -19.28 -4.99
CA SER A 392 35.58 -19.05 -5.50
C SER A 392 35.73 -17.53 -5.83
N VAL A 393 34.70 -16.89 -6.39
CA VAL A 393 34.82 -15.43 -6.64
C VAL A 393 34.92 -14.68 -5.31
N ASP A 394 34.11 -15.10 -4.37
CA ASP A 394 34.08 -14.47 -3.10
C ASP A 394 35.47 -14.57 -2.41
N ALA A 395 36.04 -15.79 -2.39
CA ALA A 395 37.34 -16.02 -1.77
C ALA A 395 38.40 -15.15 -2.45
N ASN A 396 38.37 -15.12 -3.78
CA ASN A 396 39.34 -14.35 -4.55
C ASN A 396 39.23 -12.83 -4.26
N ALA A 397 38.02 -12.31 -4.25
CA ALA A 397 37.79 -10.90 -4.02
C ALA A 397 38.25 -10.48 -2.58
N ARG A 398 38.06 -11.36 -1.59
CA ARG A 398 38.54 -11.03 -0.24
C ARG A 398 40.06 -10.86 -0.21
N GLU A 399 40.76 -11.73 -0.94
CA GLU A 399 42.18 -11.71 -1.05
C GLU A 399 42.61 -10.45 -1.79
N VAL A 400 41.97 -10.10 -2.91
CA VAL A 400 42.38 -8.89 -3.61
C VAL A 400 42.14 -7.70 -2.65
N ALA A 401 40.98 -7.70 -1.96
CA ALA A 401 40.67 -6.64 -0.99
C ALA A 401 41.69 -6.56 0.17
N ARG A 402 42.07 -7.68 0.79
CA ARG A 402 43.06 -7.67 1.91
C ARG A 402 44.33 -6.99 1.47
N LYS A 403 44.79 -7.31 0.25
CA LYS A 403 46.03 -6.73 -0.26
C LYS A 403 45.92 -5.22 -0.51
N GLU A 404 44.74 -4.75 -0.94
CA GLU A 404 44.55 -3.34 -1.13
C GLU A 404 44.54 -2.65 0.22
N VAL A 405 43.89 -3.26 1.21
CA VAL A 405 43.94 -2.73 2.54
C VAL A 405 45.38 -2.63 3.02
N MET A 406 46.19 -3.68 2.87
CA MET A 406 47.62 -3.62 3.22
C MET A 406 48.42 -2.53 2.45
N ARG A 407 48.15 -2.34 1.19
CA ARG A 407 48.72 -1.25 0.46
C ARG A 407 48.48 0.11 1.19
N LEU A 408 47.30 0.32 1.76
CA LEU A 408 47.05 1.57 2.49
C LEU A 408 47.41 1.57 3.99
N ALA A 409 47.37 0.40 4.63
CA ALA A 409 47.46 0.34 6.09
C ALA A 409 48.89 -0.05 6.55
N SER A 410 49.89 0.48 5.82
CA SER A 410 51.36 0.10 5.78
C SER A 410 51.71 -1.36 5.87
N MET B 13 -12.50 -6.56 -23.58
CA MET B 13 -13.12 -5.23 -24.00
C MET B 13 -14.29 -4.80 -23.11
N LYS B 14 -14.11 -3.76 -22.33
CA LYS B 14 -15.14 -3.41 -21.36
C LYS B 14 -16.14 -2.38 -21.92
N GLN B 15 -17.42 -2.70 -21.82
CA GLN B 15 -18.39 -1.78 -22.33
C GLN B 15 -19.02 -0.96 -21.20
N LEU B 16 -19.18 0.35 -21.42
CA LEU B 16 -19.49 1.30 -20.31
C LEU B 16 -20.74 2.08 -20.50
N THR B 17 -21.43 2.33 -19.39
CA THR B 17 -22.48 3.31 -19.36
C THR B 17 -21.90 4.37 -18.44
N ILE B 18 -21.94 5.63 -18.89
CA ILE B 18 -21.47 6.67 -18.00
C ILE B 18 -22.66 7.48 -17.48
N LEU B 19 -22.94 7.40 -16.17
CA LEU B 19 -24.04 8.20 -15.60
C LEU B 19 -23.41 9.52 -15.15
N GLY B 20 -23.76 10.57 -15.84
CA GLY B 20 -23.32 11.96 -15.47
C GLY B 20 -22.11 12.29 -16.33
N SER B 21 -22.21 12.18 -17.65
CA SER B 21 -21.02 12.21 -18.48
C SER B 21 -20.43 13.62 -18.66
N THR B 22 -21.26 14.64 -18.51
CA THR B 22 -20.79 16.02 -18.78
C THR B 22 -20.13 16.71 -17.56
N GLY B 23 -20.18 16.12 -16.37
CA GLY B 23 -19.45 16.72 -15.22
C GLY B 23 -17.97 16.32 -15.29
N SER B 24 -17.17 16.79 -14.31
CA SER B 24 -15.77 16.56 -14.29
C SER B 24 -15.44 15.08 -14.15
N ILE B 25 -16.15 14.28 -13.31
CA ILE B 25 -15.81 12.83 -13.22
C ILE B 25 -16.08 12.16 -14.58
N GLY B 26 -17.23 12.54 -15.17
CA GLY B 26 -17.65 12.08 -16.50
C GLY B 26 -16.60 12.39 -17.55
N CYS B 27 -16.12 13.63 -17.59
CA CYS B 27 -15.08 14.04 -18.57
C CYS B 27 -13.80 13.29 -18.32
N SER B 28 -13.40 13.16 -17.05
CA SER B 28 -12.18 12.41 -16.72
C SER B 28 -12.28 10.96 -17.15
N THR B 29 -13.45 10.34 -16.96
CA THR B 29 -13.65 8.94 -17.38
C THR B 29 -13.48 8.83 -18.87
N LEU B 30 -14.09 9.77 -19.59
CA LEU B 30 -13.90 9.80 -21.05
C LEU B 30 -12.47 10.05 -21.48
N ASP B 31 -11.70 10.84 -20.74
CA ASP B 31 -10.25 10.90 -20.99
C ASP B 31 -9.51 9.56 -20.86
N VAL B 32 -9.82 8.81 -19.80
CA VAL B 32 -9.30 7.45 -19.75
C VAL B 32 -9.75 6.58 -20.96
N VAL B 33 -11.03 6.64 -21.31
CA VAL B 33 -11.50 5.82 -22.42
C VAL B 33 -10.69 6.28 -23.65
N ARG B 34 -10.65 7.61 -23.84
CA ARG B 34 -9.99 8.21 -25.02
C ARG B 34 -8.57 7.65 -25.21
N HIS B 35 -7.84 7.46 -24.10
CA HIS B 35 -6.46 6.95 -24.23
C HIS B 35 -6.30 5.45 -24.12
N ASN B 36 -7.41 4.74 -23.98
CA ASN B 36 -7.40 3.29 -23.95
C ASN B 36 -8.49 2.68 -24.87
N PRO B 37 -8.49 3.08 -26.17
CA PRO B 37 -9.59 2.66 -27.07
C PRO B 37 -9.62 1.18 -27.26
N GLU B 38 -8.53 0.50 -26.95
CA GLU B 38 -8.55 -0.94 -27.10
C GLU B 38 -9.18 -1.65 -25.92
N HIS B 39 -9.40 -0.95 -24.83
CA HIS B 39 -9.89 -1.63 -23.64
C HIS B 39 -11.31 -1.23 -23.27
N PHE B 40 -11.75 -0.04 -23.71
CA PHE B 40 -13.09 0.45 -23.25
C PHE B 40 -13.88 1.02 -24.40
N ARG B 41 -15.18 0.77 -24.38
CA ARG B 41 -16.09 1.29 -25.39
C ARG B 41 -17.32 1.81 -24.65
N VAL B 42 -17.78 2.99 -25.06
CA VAL B 42 -18.96 3.62 -24.45
C VAL B 42 -20.22 3.18 -25.15
N VAL B 43 -21.10 2.50 -24.42
CA VAL B 43 -22.42 2.18 -24.92
C VAL B 43 -23.45 3.30 -24.68
N ALA B 44 -23.39 3.98 -23.52
CA ALA B 44 -24.43 4.93 -23.21
C ALA B 44 -23.87 6.06 -22.42
N LEU B 45 -24.32 7.28 -22.74
CA LEU B 45 -23.98 8.43 -21.97
C LEU B 45 -25.28 8.98 -21.42
N VAL B 46 -25.24 9.37 -20.17
CA VAL B 46 -26.37 10.01 -19.57
C VAL B 46 -25.92 11.32 -19.00
N ALA B 47 -26.59 12.41 -19.37
CA ALA B 47 -26.29 13.68 -18.71
C ALA B 47 -27.56 14.43 -18.27
N GLY B 48 -27.50 15.73 -18.02
CA GLY B 48 -28.65 16.47 -17.54
C GLY B 48 -29.20 17.36 -18.66
N LYS B 49 -28.76 18.61 -18.76
CA LYS B 49 -29.32 19.53 -19.76
C LYS B 49 -28.22 20.13 -20.63
N ASN B 50 -26.99 19.67 -20.43
CA ASN B 50 -25.89 20.28 -21.16
C ASN B 50 -25.80 19.62 -22.52
N VAL B 51 -26.55 20.14 -23.49
CA VAL B 51 -26.66 19.55 -24.77
C VAL B 51 -25.33 19.67 -25.53
N THR B 52 -24.64 20.81 -25.34
CA THR B 52 -23.50 21.18 -26.17
C THR B 52 -22.38 20.15 -25.93
N ARG B 53 -22.13 19.89 -24.67
CA ARG B 53 -21.03 18.95 -24.32
C ARG B 53 -21.41 17.49 -24.71
N MET B 54 -22.69 17.16 -24.52
CA MET B 54 -23.20 15.81 -24.89
C MET B 54 -23.04 15.60 -26.39
N VAL B 55 -23.38 16.60 -27.20
CA VAL B 55 -23.06 16.48 -28.67
C VAL B 55 -21.60 16.10 -28.92
N GLU B 56 -20.66 16.87 -28.43
CA GLU B 56 -19.23 16.58 -28.68
C GLU B 56 -18.86 15.16 -28.16
N GLN B 57 -19.37 14.81 -26.98
CA GLN B 57 -19.08 13.50 -26.43
C GLN B 57 -19.64 12.34 -27.33
N CYS B 58 -20.90 12.46 -27.76
CA CYS B 58 -21.49 11.48 -28.67
C CYS B 58 -20.73 11.39 -29.98
N LEU B 59 -20.27 12.53 -30.47
CA LEU B 59 -19.56 12.56 -31.77
C LEU B 59 -18.20 11.89 -31.61
N GLU B 60 -17.54 12.03 -30.45
CA GLU B 60 -16.21 11.45 -30.33
C GLU B 60 -16.31 9.93 -30.04
N PHE B 61 -17.25 9.55 -29.19
CA PHE B 61 -17.25 8.18 -28.68
C PHE B 61 -18.31 7.30 -29.28
N SER B 62 -19.20 7.83 -30.13
CA SER B 62 -20.25 7.02 -30.79
C SER B 62 -21.04 6.11 -29.87
N PRO B 63 -21.59 6.64 -28.80
CA PRO B 63 -22.36 5.67 -28.03
C PRO B 63 -23.65 5.22 -28.77
N ARG B 64 -24.14 4.04 -28.45
CA ARG B 64 -25.45 3.60 -28.96
C ARG B 64 -26.60 4.53 -28.47
N TYR B 65 -26.51 4.97 -27.22
CA TYR B 65 -27.52 5.78 -26.55
C TYR B 65 -26.98 7.02 -25.86
N ALA B 66 -27.81 8.08 -25.85
CA ALA B 66 -27.54 9.27 -25.07
C ALA B 66 -28.88 9.58 -24.37
N VAL B 67 -28.86 9.88 -23.08
CA VAL B 67 -30.06 10.25 -22.37
C VAL B 67 -29.83 11.63 -21.73
N MET B 68 -30.83 12.52 -21.85
CA MET B 68 -30.82 13.84 -21.22
C MET B 68 -31.93 13.85 -20.14
N ASP B 69 -31.95 14.88 -19.29
CA ASP B 69 -32.97 15.00 -18.22
C ASP B 69 -34.38 15.04 -18.73
N ASP B 70 -34.60 15.72 -19.84
CA ASP B 70 -35.97 15.98 -20.28
C ASP B 70 -36.12 16.04 -21.77
N GLU B 71 -37.38 16.02 -22.21
CA GLU B 71 -37.68 15.97 -23.62
C GLU B 71 -37.18 17.23 -24.36
N ALA B 72 -37.26 18.40 -23.74
CA ALA B 72 -36.76 19.64 -24.38
C ALA B 72 -35.25 19.52 -24.65
N SER B 73 -34.49 19.05 -23.66
CA SER B 73 -33.06 18.83 -23.86
C SER B 73 -32.75 17.70 -24.88
N ALA B 74 -33.55 16.64 -24.85
CA ALA B 74 -33.44 15.51 -25.76
C ALA B 74 -33.73 15.89 -27.18
N LYS B 75 -34.73 16.72 -27.38
CA LYS B 75 -35.03 17.23 -28.74
C LYS B 75 -33.89 18.10 -29.34
N LEU B 76 -33.28 18.96 -28.52
CA LEU B 76 -32.13 19.76 -28.95
C LEU B 76 -30.97 18.84 -29.35
N LEU B 77 -30.68 17.84 -28.52
CA LEU B 77 -29.58 16.93 -28.75
C LEU B 77 -29.81 16.15 -30.08
N LYS B 78 -31.02 15.68 -30.28
CA LYS B 78 -31.38 14.88 -31.44
C LYS B 78 -31.19 15.69 -32.72
N THR B 79 -31.67 16.96 -32.72
CA THR B 79 -31.47 17.87 -33.84
C THR B 79 -29.98 18.06 -34.14
N MET B 80 -29.19 18.32 -33.10
CA MET B 80 -27.78 18.62 -33.32
C MET B 80 -26.99 17.39 -33.76
N LEU B 81 -27.30 16.21 -33.22
CA LEU B 81 -26.63 14.99 -33.66
C LEU B 81 -27.02 14.61 -35.10
N GLN B 82 -28.29 14.82 -35.43
CA GLN B 82 -28.82 14.55 -36.77
C GLN B 82 -27.99 15.37 -37.78
N GLN B 83 -27.82 16.65 -37.51
CA GLN B 83 -27.10 17.60 -38.36
C GLN B 83 -25.62 17.20 -38.54
N GLN B 84 -25.04 16.45 -37.59
CA GLN B 84 -23.68 15.91 -37.75
C GLN B 84 -23.58 14.43 -38.16
N GLY B 85 -24.71 13.84 -38.52
CA GLY B 85 -24.77 12.46 -38.98
C GLY B 85 -24.54 11.39 -37.91
N SER B 86 -24.78 11.70 -36.62
CA SER B 86 -24.67 10.69 -35.57
C SER B 86 -25.79 9.62 -35.62
N ARG B 87 -25.46 8.38 -35.28
CA ARG B 87 -26.48 7.31 -35.16
C ARG B 87 -26.97 7.13 -33.68
N THR B 88 -26.35 7.89 -32.79
CA THR B 88 -26.71 7.78 -31.39
C THR B 88 -28.22 7.99 -31.25
N GLU B 89 -28.84 7.10 -30.53
CA GLU B 89 -30.25 7.20 -30.27
C GLU B 89 -30.42 7.98 -28.96
N VAL B 90 -31.34 8.92 -28.96
CA VAL B 90 -31.49 9.85 -27.85
C VAL B 90 -32.77 9.54 -27.06
N LEU B 91 -32.63 9.47 -25.74
CA LEU B 91 -33.72 9.20 -24.84
C LEU B 91 -33.78 10.30 -23.78
N SER B 92 -34.85 10.34 -22.99
CA SER B 92 -34.84 11.19 -21.82
C SER B 92 -35.47 10.57 -20.59
N GLY B 93 -35.11 11.10 -19.42
CA GLY B 93 -35.89 10.83 -18.22
C GLY B 93 -35.16 9.82 -17.32
N GLN B 94 -35.67 9.65 -16.11
CA GLN B 94 -34.97 8.88 -15.08
C GLN B 94 -35.02 7.38 -15.39
N GLN B 95 -36.15 6.88 -15.90
CA GLN B 95 -36.24 5.48 -16.30
C GLN B 95 -35.24 5.12 -17.39
N ALA B 96 -35.04 6.00 -18.37
CA ALA B 96 -34.09 5.68 -19.43
C ALA B 96 -32.65 5.59 -18.86
N ALA B 97 -32.40 6.45 -17.88
CA ALA B 97 -31.12 6.36 -17.25
C ALA B 97 -30.96 5.01 -16.50
N CYS B 98 -31.99 4.56 -15.76
CA CYS B 98 -31.93 3.26 -15.08
C CYS B 98 -31.76 2.17 -16.15
N ASP B 99 -32.42 2.35 -17.30
CA ASP B 99 -32.34 1.31 -18.31
C ASP B 99 -30.89 1.27 -18.83
N MET B 100 -30.23 2.42 -19.00
CA MET B 100 -28.78 2.44 -19.47
C MET B 100 -27.87 1.73 -18.47
N ALA B 101 -28.19 1.89 -17.17
CA ALA B 101 -27.39 1.30 -16.10
C ALA B 101 -27.58 -0.20 -16.06
N ALA B 102 -28.69 -0.71 -16.64
CA ALA B 102 -29.01 -2.15 -16.55
C ALA B 102 -28.82 -2.92 -17.86
N LEU B 103 -28.31 -2.27 -18.90
CA LEU B 103 -28.27 -2.92 -20.25
C LEU B 103 -27.49 -4.23 -20.24
N GLU B 104 -28.04 -5.24 -20.89
CA GLU B 104 -27.40 -6.57 -21.01
C GLU B 104 -25.91 -6.46 -21.32
N ASP B 105 -25.55 -5.71 -22.33
CA ASP B 105 -24.17 -5.83 -22.76
C ASP B 105 -23.19 -4.79 -22.12
N VAL B 106 -23.64 -4.03 -21.09
CA VAL B 106 -22.77 -3.16 -20.36
C VAL B 106 -22.11 -3.98 -19.24
N ASP B 107 -20.80 -3.75 -19.09
CA ASP B 107 -20.00 -4.36 -18.00
C ASP B 107 -19.88 -3.43 -16.78
N GLN B 108 -19.68 -2.13 -17.07
CA GLN B 108 -19.32 -1.14 -16.06
C GLN B 108 -20.17 0.10 -16.14
N VAL B 109 -20.52 0.61 -14.99
CA VAL B 109 -21.33 1.81 -14.92
C VAL B 109 -20.56 2.80 -14.07
N MET B 110 -20.18 3.89 -14.70
CA MET B 110 -19.61 4.98 -13.95
C MET B 110 -20.80 5.70 -13.33
N ALA B 111 -20.96 5.61 -11.99
CA ALA B 111 -22.14 6.17 -11.32
C ALA B 111 -21.78 7.56 -10.80
N ALA B 112 -21.85 8.56 -11.65
CA ALA B 112 -21.37 9.89 -11.33
C ALA B 112 -22.50 10.91 -11.26
N ILE B 113 -23.76 10.50 -11.28
CA ILE B 113 -24.81 11.48 -11.06
C ILE B 113 -24.88 11.66 -9.53
N VAL B 114 -24.89 12.90 -9.07
CA VAL B 114 -24.88 13.13 -7.64
C VAL B 114 -26.25 13.57 -7.15
N GLY B 115 -26.39 13.70 -5.84
CA GLY B 115 -27.67 14.16 -5.30
C GLY B 115 -28.61 12.97 -5.35
N ALA B 116 -29.85 13.26 -4.99
CA ALA B 116 -30.97 12.33 -5.09
C ALA B 116 -31.15 11.72 -6.48
N ALA B 117 -30.88 12.49 -7.54
CA ALA B 117 -31.11 12.00 -8.86
C ALA B 117 -30.21 10.80 -9.15
N GLY B 118 -29.19 10.59 -8.35
CA GLY B 118 -28.25 9.50 -8.67
C GLY B 118 -28.62 8.18 -8.02
N LEU B 119 -29.58 8.22 -7.09
CA LEU B 119 -29.93 7.04 -6.31
C LEU B 119 -30.52 5.92 -7.13
N LEU B 120 -31.62 6.18 -7.85
CA LEU B 120 -32.25 5.09 -8.65
C LEU B 120 -31.36 4.52 -9.80
N PRO B 121 -30.65 5.40 -10.52
CA PRO B 121 -29.77 4.88 -11.61
C PRO B 121 -28.59 4.03 -11.07
N THR B 122 -27.98 4.41 -9.91
CA THR B 122 -26.97 3.60 -9.26
C THR B 122 -27.57 2.29 -8.79
N LEU B 123 -28.71 2.36 -8.09
CA LEU B 123 -29.39 1.15 -7.62
C LEU B 123 -29.72 0.22 -8.84
N ALA B 124 -30.09 0.83 -9.97
CA ALA B 124 -30.35 -0.02 -11.17
C ALA B 124 -29.09 -0.81 -11.62
N ALA B 125 -27.94 -0.14 -11.68
CA ALA B 125 -26.67 -0.86 -11.99
C ALA B 125 -26.44 -1.93 -10.96
N ILE B 126 -26.73 -1.60 -9.71
CA ILE B 126 -26.41 -2.61 -8.68
C ILE B 126 -27.34 -3.85 -8.82
N ARG B 127 -28.63 -3.62 -9.04
CA ARG B 127 -29.58 -4.74 -9.15
C ARG B 127 -29.31 -5.54 -10.40
N ALA B 128 -28.69 -4.88 -11.38
CA ALA B 128 -28.27 -5.60 -12.60
C ALA B 128 -26.92 -6.36 -12.54
N GLY B 129 -26.27 -6.40 -11.37
CA GLY B 129 -25.08 -7.26 -11.21
C GLY B 129 -23.87 -6.57 -11.84
N LYS B 130 -23.93 -5.25 -12.14
CA LYS B 130 -22.83 -4.64 -12.90
C LYS B 130 -21.62 -4.38 -12.02
N THR B 131 -20.50 -4.00 -12.67
CA THR B 131 -19.39 -3.41 -11.97
C THR B 131 -19.70 -1.92 -11.81
N ILE B 132 -19.78 -1.46 -10.58
CA ILE B 132 -20.20 -0.09 -10.39
C ILE B 132 -18.95 0.72 -10.01
N LEU B 133 -18.58 1.72 -10.85
CA LEU B 133 -17.57 2.72 -10.47
C LEU B 133 -18.31 3.81 -9.72
N LEU B 134 -18.27 3.69 -8.40
CA LEU B 134 -19.11 4.48 -7.55
C LEU B 134 -18.52 5.85 -7.34
N ALA B 135 -19.18 6.86 -7.91
CA ALA B 135 -18.61 8.23 -7.92
C ALA B 135 -19.66 9.20 -7.38
N ASN B 136 -20.54 8.77 -6.47
CA ASN B 136 -21.42 9.73 -5.82
C ASN B 136 -21.52 9.34 -4.34
N LYS B 137 -21.63 10.34 -3.48
CA LYS B 137 -21.71 10.06 -2.05
C LYS B 137 -23.12 9.68 -1.61
N GLU B 138 -24.16 10.16 -2.27
CA GLU B 138 -25.52 9.98 -1.67
C GLU B 138 -25.91 8.49 -1.62
N SER B 139 -25.51 7.71 -2.65
CA SER B 139 -25.66 6.25 -2.59
C SER B 139 -25.46 5.65 -1.17
N LEU B 140 -24.28 5.80 -0.59
CA LEU B 140 -24.01 5.07 0.65
C LEU B 140 -24.24 5.96 1.88
N VAL B 141 -24.22 7.27 1.69
CA VAL B 141 -24.52 8.17 2.82
C VAL B 141 -25.99 8.07 3.22
N THR B 142 -26.85 7.96 2.21
CA THR B 142 -28.28 7.92 2.45
C THR B 142 -28.87 6.51 2.34
N CYS B 143 -28.35 5.67 1.44
CA CYS B 143 -28.98 4.37 1.18
C CYS B 143 -28.03 3.19 1.40
N GLY B 144 -27.04 3.35 2.26
CA GLY B 144 -26.02 2.34 2.45
C GLY B 144 -26.54 0.96 2.80
N ARG B 145 -27.53 0.84 3.70
CA ARG B 145 -27.99 -0.49 4.04
C ARG B 145 -28.73 -1.10 2.83
N LEU B 146 -29.58 -0.27 2.17
CA LEU B 146 -30.36 -0.71 1.00
C LEU B 146 -29.41 -1.16 -0.11
N PHE B 147 -28.31 -0.41 -0.34
CA PHE B 147 -27.45 -0.66 -1.51
C PHE B 147 -26.55 -1.84 -1.21
N MET B 148 -26.08 -1.97 0.03
CA MET B 148 -25.19 -3.12 0.29
C MET B 148 -26.02 -4.42 0.35
N ASP B 149 -27.27 -4.36 0.79
CA ASP B 149 -28.20 -5.50 0.62
C ASP B 149 -28.42 -5.90 -0.86
N ALA B 150 -28.59 -4.89 -1.71
CA ALA B 150 -28.86 -5.18 -3.10
C ALA B 150 -27.52 -5.75 -3.71
N VAL B 151 -26.36 -5.22 -3.31
CA VAL B 151 -25.05 -5.80 -3.72
C VAL B 151 -24.88 -7.31 -3.30
N LYS B 152 -25.19 -7.64 -2.06
CA LYS B 152 -25.19 -9.03 -1.60
C LYS B 152 -26.06 -9.93 -2.49
N GLN B 153 -27.25 -9.47 -2.79
CA GLN B 153 -28.12 -10.24 -3.60
C GLN B 153 -27.60 -10.37 -5.10
N SER B 154 -27.11 -9.30 -5.71
CA SER B 154 -26.80 -9.41 -7.13
C SER B 154 -25.34 -9.76 -7.42
N LYS B 155 -24.49 -9.61 -6.39
CA LYS B 155 -23.08 -9.84 -6.53
C LYS B 155 -22.48 -8.76 -7.42
N ALA B 156 -23.11 -7.58 -7.54
CA ALA B 156 -22.49 -6.43 -8.16
C ALA B 156 -21.12 -6.11 -7.53
N GLN B 157 -20.15 -5.74 -8.34
CA GLN B 157 -18.85 -5.31 -7.78
C GLN B 157 -18.80 -3.77 -7.65
N LEU B 158 -18.68 -3.29 -6.42
CA LEU B 158 -18.52 -1.88 -6.21
C LEU B 158 -17.02 -1.57 -6.26
N LEU B 159 -16.68 -0.50 -6.97
CA LEU B 159 -15.31 -0.03 -7.01
C LEU B 159 -15.35 1.47 -6.72
N PRO B 160 -14.87 1.87 -5.54
CA PRO B 160 -15.03 3.30 -5.19
C PRO B 160 -14.05 4.19 -5.97
N VAL B 161 -14.61 5.22 -6.58
CA VAL B 161 -13.86 6.18 -7.36
C VAL B 161 -13.35 7.35 -6.49
N ASP B 162 -14.05 7.71 -5.42
CA ASP B 162 -13.59 8.78 -4.61
C ASP B 162 -12.19 8.48 -4.04
N SER B 163 -11.39 9.55 -3.89
CA SER B 163 -9.98 9.41 -3.72
C SER B 163 -9.62 8.56 -2.50
N GLU B 164 -10.26 8.87 -1.37
CA GLU B 164 -9.94 8.18 -0.10
C GLU B 164 -10.38 6.71 -0.08
N HIS B 165 -11.63 6.47 -0.51
CA HIS B 165 -12.15 5.12 -0.57
C HIS B 165 -11.42 4.27 -1.56
N ASN B 166 -11.04 4.89 -2.67
CA ASN B 166 -10.27 4.17 -3.69
C ASN B 166 -8.91 3.73 -3.07
N ALA B 167 -8.30 4.62 -2.30
CA ALA B 167 -7.05 4.32 -1.64
C ALA B 167 -7.21 3.19 -0.64
N ILE B 168 -8.30 3.24 0.12
CA ILE B 168 -8.57 2.18 1.06
C ILE B 168 -8.73 0.87 0.33
N PHE B 169 -9.53 0.91 -0.73
CA PHE B 169 -9.73 -0.24 -1.53
C PHE B 169 -8.42 -0.82 -2.06
N GLN B 170 -7.60 0.02 -2.65
CA GLN B 170 -6.29 -0.47 -3.17
C GLN B 170 -5.41 -1.05 -2.07
N SER B 171 -5.69 -0.66 -0.81
CA SER B 171 -4.83 -1.04 0.31
C SER B 171 -5.40 -2.24 1.06
N LEU B 172 -6.56 -2.77 0.59
CA LEU B 172 -7.21 -3.88 1.25
C LEU B 172 -6.80 -5.16 0.54
N PRO B 173 -6.88 -6.28 1.24
CA PRO B 173 -6.47 -7.51 0.57
C PRO B 173 -7.48 -7.98 -0.47
N GLN B 174 -6.98 -8.75 -1.38
CA GLN B 174 -7.74 -9.20 -2.46
C GLN B 174 -9.07 -9.92 -2.14
N PRO B 175 -9.13 -10.85 -1.11
CA PRO B 175 -10.48 -11.38 -0.88
C PRO B 175 -11.50 -10.36 -0.38
N ILE B 176 -11.07 -9.26 0.25
CA ILE B 176 -12.03 -8.17 0.58
C ILE B 176 -12.46 -7.41 -0.68
N GLN B 177 -11.49 -7.02 -1.53
CA GLN B 177 -11.76 -6.27 -2.75
C GLN B 177 -12.85 -6.94 -3.59
N HIS B 178 -12.75 -8.27 -3.71
CA HIS B 178 -13.62 -9.06 -4.61
C HIS B 178 -14.91 -9.41 -3.95
N ASN B 179 -15.07 -9.11 -2.68
CA ASN B 179 -16.40 -9.41 -2.07
C ASN B 179 -16.81 -8.36 -1.05
N LEU B 180 -17.03 -7.13 -1.50
CA LEU B 180 -17.35 -6.08 -0.51
C LEU B 180 -18.72 -6.40 0.07
N GLY B 181 -18.94 -6.15 1.36
CA GLY B 181 -20.28 -6.44 1.75
C GLY B 181 -20.21 -7.80 2.36
N TYR B 182 -20.28 -8.92 1.65
CA TYR B 182 -19.82 -10.07 2.52
C TYR B 182 -18.46 -9.93 3.31
N ALA B 183 -17.55 -9.00 3.01
CA ALA B 183 -16.25 -9.25 3.66
C ALA B 183 -16.13 -8.98 5.17
N ASP B 184 -15.37 -9.85 5.80
CA ASP B 184 -15.06 -9.79 7.21
C ASP B 184 -13.63 -9.28 7.25
N LEU B 185 -13.47 -8.03 7.69
CA LEU B 185 -12.18 -7.38 7.80
C LEU B 185 -11.27 -8.18 8.76
N GLU B 186 -11.80 -8.56 9.93
CA GLU B 186 -11.00 -9.25 10.95
C GLU B 186 -10.46 -10.60 10.46
N GLN B 187 -11.29 -11.33 9.79
CA GLN B 187 -10.92 -12.62 9.26
C GLN B 187 -9.83 -12.46 8.19
N ASN B 188 -9.76 -11.28 7.56
CA ASN B 188 -8.74 -11.04 6.57
C ASN B 188 -7.56 -10.26 7.12
N GLY B 189 -7.41 -10.20 8.44
CA GLY B 189 -6.17 -9.67 9.00
C GLY B 189 -6.15 -8.14 9.12
N VAL B 190 -7.29 -7.51 8.86
CA VAL B 190 -7.37 -6.03 8.88
C VAL B 190 -7.80 -5.62 10.25
N VAL B 191 -7.04 -4.67 10.86
CA VAL B 191 -7.33 -4.12 12.16
C VAL B 191 -8.24 -2.94 12.00
N SER B 192 -7.89 -2.04 11.08
CA SER B 192 -8.73 -0.88 10.83
C SER B 192 -8.42 -0.18 9.55
N ILE B 193 -9.32 0.74 9.21
CA ILE B 193 -9.24 1.59 8.06
C ILE B 193 -8.89 3.00 8.52
N LEU B 194 -7.88 3.56 7.85
CA LEU B 194 -7.30 4.81 8.26
C LEU B 194 -7.76 5.82 7.25
N LEU B 195 -8.81 6.53 7.62
CA LEU B 195 -9.39 7.46 6.67
C LEU B 195 -8.74 8.86 6.89
N THR B 196 -8.05 9.36 5.89
CA THR B 196 -7.30 10.57 6.06
C THR B 196 -8.04 11.73 5.41
N GLY B 197 -7.83 12.94 5.95
CA GLY B 197 -8.28 14.18 5.26
C GLY B 197 -7.47 15.39 5.66
N SER B 198 -7.60 16.46 4.88
CA SER B 198 -6.65 17.52 4.97
C SER B 198 -6.86 18.27 6.26
N GLY B 199 -8.08 18.26 6.79
CA GLY B 199 -8.36 19.11 7.98
C GLY B 199 -8.80 20.54 7.61
N GLY B 200 -8.73 20.86 6.32
CA GLY B 200 -9.38 22.08 5.81
C GLY B 200 -8.58 23.35 6.08
N PRO B 201 -9.11 24.52 5.67
CA PRO B 201 -8.34 25.79 5.75
C PRO B 201 -8.21 26.33 7.16
N PHE B 202 -9.06 25.83 8.07
CA PHE B 202 -9.04 26.35 9.47
C PHE B 202 -8.46 25.40 10.43
N ARG B 203 -7.68 24.49 9.87
CA ARG B 203 -7.03 23.45 10.65
C ARG B 203 -6.26 24.01 11.82
N GLU B 204 -5.69 25.19 11.67
CA GLU B 204 -4.90 25.79 12.74
C GLU B 204 -5.48 27.07 13.36
N THR B 205 -6.63 27.54 12.86
CA THR B 205 -7.30 28.75 13.36
C THR B 205 -7.59 28.64 14.86
N PRO B 206 -7.33 29.72 15.61
CA PRO B 206 -7.74 29.55 17.01
C PRO B 206 -9.26 29.24 17.13
N LEU B 207 -9.66 28.34 18.03
CA LEU B 207 -11.05 27.97 18.14
C LEU B 207 -12.03 29.14 18.18
N ARG B 208 -11.69 30.20 18.91
CA ARG B 208 -12.65 31.30 19.07
C ARG B 208 -12.80 32.17 17.84
N ASP B 209 -11.89 32.01 16.87
CA ASP B 209 -12.01 32.70 15.62
C ASP B 209 -12.98 32.00 14.67
N LEU B 210 -13.26 30.71 14.89
CA LEU B 210 -14.15 29.96 14.02
C LEU B 210 -15.48 30.66 13.79
N ALA B 211 -16.01 31.27 14.86
CA ALA B 211 -17.36 31.83 14.84
C ALA B 211 -17.46 32.94 13.80
N THR B 212 -16.33 33.54 13.48
CA THR B 212 -16.37 34.69 12.64
C THR B 212 -15.76 34.51 11.23
N MET B 213 -15.54 33.27 10.82
CA MET B 213 -14.93 33.04 9.50
C MET B 213 -15.91 33.37 8.38
N THR B 214 -15.43 33.90 7.26
CA THR B 214 -16.30 34.34 6.19
C THR B 214 -16.24 33.27 5.13
N PRO B 215 -17.20 33.28 4.22
CA PRO B 215 -17.18 32.34 3.09
C PRO B 215 -15.88 32.41 2.26
N ASP B 216 -15.39 33.59 1.91
CA ASP B 216 -14.10 33.66 1.19
C ASP B 216 -12.96 33.00 1.93
N GLN B 217 -12.93 33.09 3.26
CA GLN B 217 -11.90 32.40 4.03
C GLN B 217 -12.05 30.87 4.09
N ALA B 218 -13.28 30.40 3.91
CA ALA B 218 -13.55 28.98 4.01
C ALA B 218 -13.32 28.33 2.66
N CYS B 219 -13.27 29.13 1.60
CA CYS B 219 -13.18 28.62 0.23
C CYS B 219 -11.81 29.10 -0.22
N ARG B 220 -10.80 28.30 0.14
CA ARG B 220 -9.44 28.78 0.51
C ARG B 220 -9.36 30.30 0.82
N MET B 226 -12.60 21.98 -7.08
CA MET B 226 -12.74 22.67 -5.80
C MET B 226 -14.03 23.56 -5.64
N GLY B 227 -15.23 22.93 -5.64
CA GLY B 227 -16.53 23.60 -5.41
C GLY B 227 -16.68 24.32 -4.03
N ARG B 228 -17.40 25.44 -3.98
CA ARG B 228 -17.57 26.13 -2.68
C ARG B 228 -18.16 25.23 -1.56
N LYS B 229 -19.16 24.42 -1.90
CA LYS B 229 -19.80 23.47 -0.98
C LYS B 229 -18.72 22.49 -0.43
N ILE B 230 -18.04 21.80 -1.35
CA ILE B 230 -17.08 20.79 -0.89
C ILE B 230 -15.95 21.44 -0.06
N SER B 231 -15.56 22.64 -0.46
CA SER B 231 -14.63 23.48 0.26
C SER B 231 -15.11 23.74 1.72
N VAL B 232 -16.37 24.10 1.86
CA VAL B 232 -16.92 24.35 3.21
C VAL B 232 -16.94 23.04 3.97
N ASP B 233 -17.40 21.99 3.28
CA ASP B 233 -17.42 20.63 3.89
C ASP B 233 -15.97 20.20 4.39
N SER B 234 -14.93 20.63 3.66
CA SER B 234 -13.59 20.34 4.06
C SER B 234 -13.21 21.12 5.37
N ALA B 235 -13.71 22.35 5.46
CA ALA B 235 -13.45 23.21 6.58
C ALA B 235 -14.08 22.73 7.89
N THR B 236 -15.31 22.22 7.79
CA THR B 236 -16.04 21.66 8.95
C THR B 236 -15.70 20.17 9.16
N MET B 237 -15.01 19.57 8.18
CA MET B 237 -14.83 18.08 8.09
C MET B 237 -16.15 17.30 8.05
N MET B 238 -17.24 17.97 7.62
CA MET B 238 -18.44 17.22 7.20
C MET B 238 -18.11 16.25 6.09
N ASN B 239 -17.16 16.66 5.27
CA ASN B 239 -16.79 15.84 4.14
C ASN B 239 -16.26 14.50 4.61
N LYS B 240 -15.38 14.55 5.62
CA LYS B 240 -14.77 13.35 6.17
C LYS B 240 -15.81 12.56 6.99
N GLY B 241 -16.74 13.28 7.63
CA GLY B 241 -17.85 12.62 8.28
C GLY B 241 -18.68 11.76 7.29
N LEU B 242 -18.99 12.31 6.13
CA LEU B 242 -19.80 11.61 5.10
C LEU B 242 -18.97 10.44 4.59
N GLU B 243 -17.64 10.67 4.43
CA GLU B 243 -16.78 9.61 3.96
C GLU B 243 -16.66 8.51 4.98
N TYR B 244 -16.77 8.89 6.27
CA TYR B 244 -16.70 7.90 7.33
C TYR B 244 -17.90 6.95 7.23
N ILE B 245 -19.09 7.54 7.06
CA ILE B 245 -20.38 6.78 6.92
C ILE B 245 -20.30 5.87 5.71
N GLU B 246 -19.79 6.39 4.61
CA GLU B 246 -19.70 5.58 3.40
C GLU B 246 -18.76 4.43 3.59
N ALA B 247 -17.61 4.72 4.23
CA ALA B 247 -16.57 3.70 4.35
C ALA B 247 -17.09 2.55 5.21
N ARG B 248 -17.86 2.87 6.25
CA ARG B 248 -18.37 1.80 7.07
C ARG B 248 -19.28 0.85 6.30
N TRP B 249 -20.16 1.39 5.44
CA TRP B 249 -21.00 0.58 4.62
C TRP B 249 -20.16 -0.15 3.59
N LEU B 250 -19.35 0.57 2.87
CA LEU B 250 -18.64 -0.05 1.77
C LEU B 250 -17.73 -1.21 2.21
N PHE B 251 -16.97 -0.96 3.27
CA PHE B 251 -16.00 -1.96 3.80
C PHE B 251 -16.48 -2.83 4.95
N ASN B 252 -17.73 -2.69 5.35
CA ASN B 252 -18.24 -3.51 6.46
C ASN B 252 -17.41 -3.36 7.74
N ALA B 253 -17.11 -2.09 8.08
CA ALA B 253 -16.28 -1.74 9.23
C ALA B 253 -17.12 -1.25 10.41
N SER B 254 -16.79 -1.74 11.61
CA SER B 254 -17.42 -1.20 12.83
C SER B 254 -16.76 0.13 13.22
N ALA B 255 -17.28 0.79 14.27
CA ALA B 255 -16.65 2.01 14.81
C ALA B 255 -15.19 1.80 15.21
N SER B 256 -14.90 0.64 15.85
CA SER B 256 -13.56 0.34 16.28
C SER B 256 -12.66 -0.05 15.06
N GLN B 257 -13.22 -0.29 13.89
CA GLN B 257 -12.38 -0.56 12.69
C GLN B 257 -12.09 0.68 11.83
N MET B 258 -12.42 1.85 12.35
CA MET B 258 -12.28 3.11 11.60
C MET B 258 -11.44 4.04 12.45
N GLU B 259 -10.42 4.67 11.85
CA GLU B 259 -9.73 5.75 12.50
C GLU B 259 -9.78 6.86 11.47
N VAL B 260 -9.89 8.09 11.98
CA VAL B 260 -9.91 9.28 11.15
C VAL B 260 -8.64 10.08 11.52
N LEU B 261 -7.86 10.43 10.50
CA LEU B 261 -6.57 11.05 10.71
C LEU B 261 -6.43 12.30 9.87
N ILE B 262 -5.96 13.41 10.47
CA ILE B 262 -5.72 14.60 9.69
C ILE B 262 -4.36 14.36 8.99
N HIS B 263 -4.27 14.70 7.70
CA HIS B 263 -3.02 14.59 6.96
C HIS B 263 -3.02 15.77 6.00
N PRO B 264 -2.36 16.90 6.37
CA PRO B 264 -2.70 18.17 5.71
C PRO B 264 -2.21 18.27 4.28
N GLN B 265 -1.22 17.45 3.88
CA GLN B 265 -0.64 17.57 2.55
C GLN B 265 -1.41 16.77 1.50
N SER B 266 -2.27 15.86 1.96
CA SER B 266 -3.14 15.02 1.08
C SER B 266 -2.35 14.18 0.06
N VAL B 267 -1.13 13.79 0.38
CA VAL B 267 -0.36 12.97 -0.53
C VAL B 267 -0.71 11.48 -0.37
N ILE B 268 -0.62 11.01 0.89
CA ILE B 268 -1.33 9.79 1.28
C ILE B 268 -2.87 9.99 1.13
N HIS B 269 -3.53 9.10 0.38
CA HIS B 269 -4.98 9.24 0.16
C HIS B 269 -5.87 8.53 1.16
N SER B 270 -5.29 7.54 1.84
CA SER B 270 -5.82 6.82 3.03
C SER B 270 -5.07 5.52 3.13
N MET B 271 -5.34 4.74 4.20
CA MET B 271 -4.49 3.63 4.55
C MET B 271 -5.28 2.48 5.21
N VAL B 272 -4.62 1.33 5.34
CA VAL B 272 -5.26 0.18 6.04
C VAL B 272 -4.24 -0.38 7.01
N ARG B 273 -4.67 -0.61 8.24
CA ARG B 273 -3.80 -1.15 9.25
C ARG B 273 -4.08 -2.66 9.40
N TYR B 274 -3.01 -3.46 9.39
CA TYR B 274 -3.06 -4.89 9.51
C TYR B 274 -2.62 -5.47 10.86
N GLN B 275 -2.98 -6.71 11.07
CA GLN B 275 -2.82 -7.40 12.40
C GLN B 275 -1.35 -7.56 12.76
N ASP B 276 -0.49 -7.68 11.74
CA ASP B 276 0.97 -7.84 12.03
C ASP B 276 1.69 -6.50 12.33
N GLY B 277 0.98 -5.39 12.26
CA GLY B 277 1.61 -4.07 12.46
C GLY B 277 1.82 -3.32 11.13
N SER B 278 1.79 -4.02 9.98
CA SER B 278 1.84 -3.35 8.65
C SER B 278 0.72 -2.38 8.41
N VAL B 279 1.07 -1.25 7.81
CA VAL B 279 0.07 -0.33 7.29
C VAL B 279 0.28 -0.22 5.78
N LEU B 280 -0.77 -0.42 5.02
CA LEU B 280 -0.67 -0.20 3.57
C LEU B 280 -1.32 1.09 3.25
N ALA B 281 -0.72 1.84 2.32
CA ALA B 281 -1.24 3.15 1.98
C ALA B 281 -1.21 3.31 0.45
N GLN B 282 -2.13 4.13 -0.08
CA GLN B 282 -2.04 4.57 -1.49
C GLN B 282 -1.70 6.08 -1.52
N LEU B 283 -0.75 6.45 -2.37
CA LEU B 283 -0.38 7.86 -2.51
C LEU B 283 -0.49 8.24 -4.00
N GLY B 284 -0.63 9.53 -4.25
CA GLY B 284 -0.68 9.98 -5.63
C GLY B 284 -0.84 11.48 -5.74
N GLU B 285 -0.90 11.93 -7.00
CA GLU B 285 -1.36 13.28 -7.40
C GLU B 285 -2.87 13.52 -7.10
N PRO B 286 -3.31 14.78 -6.99
CA PRO B 286 -4.73 14.99 -6.75
C PRO B 286 -5.70 14.64 -7.93
N ASP B 287 -5.16 14.41 -9.11
CA ASP B 287 -5.91 14.11 -10.34
C ASP B 287 -6.84 12.88 -10.29
N MET B 288 -8.11 13.05 -10.62
CA MET B 288 -9.09 12.00 -10.42
C MET B 288 -8.98 10.93 -11.50
N ARG B 289 -8.23 11.17 -12.57
CA ARG B 289 -8.03 10.08 -13.55
C ARG B 289 -7.30 8.89 -12.96
N THR B 290 -6.53 9.07 -11.88
CA THR B 290 -5.90 7.92 -11.25
C THR B 290 -6.90 6.89 -10.63
N PRO B 291 -7.70 7.28 -9.60
CA PRO B 291 -8.70 6.34 -9.09
C PRO B 291 -9.76 5.94 -10.17
N ILE B 292 -10.12 6.86 -11.06
CA ILE B 292 -11.04 6.42 -12.11
C ILE B 292 -10.43 5.28 -12.92
N ALA B 293 -9.21 5.46 -13.37
CA ALA B 293 -8.53 4.41 -14.21
C ALA B 293 -8.28 3.14 -13.39
N HIS B 294 -7.95 3.32 -12.10
CA HIS B 294 -7.82 2.15 -11.23
C HIS B 294 -9.15 1.32 -11.27
N THR B 295 -10.30 1.98 -11.11
CA THR B 295 -11.55 1.17 -11.04
C THR B 295 -11.91 0.57 -12.41
N MET B 296 -11.70 1.34 -13.50
CA MET B 296 -12.05 0.84 -14.81
C MET B 296 -11.20 -0.38 -15.18
N ALA B 297 -9.91 -0.36 -14.82
CA ALA B 297 -9.01 -1.44 -15.21
C ALA B 297 -9.02 -2.61 -14.23
N TRP B 298 -9.52 -2.41 -13.00
CA TRP B 298 -9.40 -3.42 -11.95
C TRP B 298 -9.81 -4.81 -12.50
N PRO B 299 -9.04 -5.91 -12.21
CA PRO B 299 -7.90 -5.91 -11.29
C PRO B 299 -6.59 -5.68 -11.97
N ASN B 300 -6.61 -5.23 -13.21
CA ASN B 300 -5.37 -4.85 -13.91
C ASN B 300 -5.21 -3.29 -13.83
N ARG B 301 -4.31 -2.73 -14.64
CA ARG B 301 -4.05 -1.25 -14.65
C ARG B 301 -4.01 -0.73 -16.05
N VAL B 302 -4.36 0.54 -16.22
CA VAL B 302 -4.04 1.17 -17.52
C VAL B 302 -3.34 2.49 -17.27
N ASN B 303 -2.77 3.03 -18.31
CA ASN B 303 -2.27 4.39 -18.23
C ASN B 303 -3.44 5.35 -18.11
N SER B 304 -3.35 6.32 -17.23
CA SER B 304 -4.45 7.29 -17.04
C SER B 304 -4.08 8.69 -17.53
N GLY B 305 -2.85 8.91 -18.00
CA GLY B 305 -2.35 10.24 -18.39
C GLY B 305 -1.82 11.02 -17.20
N VAL B 306 -1.88 10.46 -15.99
CA VAL B 306 -1.44 11.17 -14.82
C VAL B 306 0.09 10.95 -14.73
N LYS B 307 0.84 12.00 -14.51
CA LYS B 307 2.30 11.84 -14.45
C LYS B 307 2.65 11.14 -13.13
N PRO B 308 3.82 10.48 -13.08
CA PRO B 308 4.26 9.87 -11.82
C PRO B 308 4.49 10.89 -10.71
N LEU B 309 4.12 10.50 -9.48
CA LEU B 309 4.24 11.34 -8.29
C LEU B 309 5.72 11.60 -8.04
N ASP B 310 6.09 12.84 -7.87
CA ASP B 310 7.53 13.13 -7.74
C ASP B 310 7.85 13.32 -6.26
N PHE B 311 8.42 12.28 -5.64
CA PHE B 311 8.73 12.34 -4.21
C PHE B 311 9.76 13.40 -3.85
N CYS B 312 10.57 13.86 -4.82
CA CYS B 312 11.52 14.96 -4.45
C CYS B 312 10.92 16.38 -4.43
N LYS B 313 9.63 16.50 -4.69
CA LYS B 313 8.95 17.81 -4.79
C LYS B 313 7.75 17.85 -3.86
N LEU B 314 7.79 17.16 -2.74
CA LEU B 314 6.61 17.08 -1.87
C LEU B 314 6.88 17.95 -0.66
N SER B 315 5.83 18.44 0.01
CA SER B 315 6.00 18.97 1.40
C SER B 315 6.21 17.80 2.31
N ALA B 316 6.79 18.06 3.49
CA ALA B 316 6.98 17.08 4.52
C ALA B 316 5.56 16.51 4.89
N LEU B 317 5.44 15.19 5.02
CA LEU B 317 4.12 14.59 5.28
C LEU B 317 3.89 14.55 6.81
N THR B 318 2.79 15.14 7.27
CA THR B 318 2.48 15.15 8.68
C THR B 318 1.07 14.61 8.94
N PHE B 319 0.79 14.25 10.20
CA PHE B 319 -0.45 13.66 10.62
C PHE B 319 -0.84 14.26 12.01
N ALA B 320 -2.14 14.30 12.33
CA ALA B 320 -2.61 14.72 13.68
C ALA B 320 -4.01 14.13 13.89
N ALA B 321 -4.45 14.02 15.13
CA ALA B 321 -5.78 13.49 15.43
C ALA B 321 -6.79 14.61 15.29
N PRO B 322 -7.95 14.37 14.69
CA PRO B 322 -8.98 15.46 14.68
C PRO B 322 -9.51 15.79 16.05
N ASP B 323 -9.74 17.05 16.29
CA ASP B 323 -10.32 17.48 17.55
C ASP B 323 -11.80 17.83 17.32
N TYR B 324 -12.65 17.09 18.01
CA TYR B 324 -14.09 17.19 17.80
C TYR B 324 -14.67 18.57 18.22
N ASP B 325 -13.97 19.35 19.06
CA ASP B 325 -14.38 20.74 19.30
C ASP B 325 -14.10 21.61 18.11
N ARG B 326 -13.07 21.24 17.35
CA ARG B 326 -12.77 22.00 16.12
C ARG B 326 -13.70 21.59 14.99
N TYR B 327 -14.04 20.30 14.94
CA TYR B 327 -14.81 19.73 13.88
C TYR B 327 -16.04 18.99 14.42
N PRO B 328 -17.05 19.72 14.95
CA PRO B 328 -18.20 18.98 15.48
C PRO B 328 -19.02 18.23 14.42
N CYS B 329 -18.97 18.62 13.16
CA CYS B 329 -19.69 17.88 12.12
C CYS B 329 -19.15 16.45 11.99
N LEU B 330 -17.85 16.26 12.19
CA LEU B 330 -17.25 14.94 12.01
C LEU B 330 -17.79 14.01 13.07
N LYS B 331 -17.82 14.49 14.29
CA LYS B 331 -18.43 13.72 15.37
C LYS B 331 -19.93 13.49 15.17
N LEU B 332 -20.69 14.50 14.70
CA LEU B 332 -22.13 14.34 14.34
C LEU B 332 -22.37 13.20 13.35
N ALA B 333 -21.54 13.14 12.31
CA ALA B 333 -21.66 12.08 11.31
C ALA B 333 -21.36 10.70 11.91
N MET B 334 -20.33 10.62 12.73
CA MET B 334 -20.01 9.34 13.40
C MET B 334 -21.20 8.87 14.24
N GLU B 335 -21.81 9.79 14.97
CA GLU B 335 -22.95 9.50 15.83
C GLU B 335 -24.18 9.20 14.96
N ALA B 336 -24.40 9.97 13.87
CA ALA B 336 -25.58 9.75 12.98
C ALA B 336 -25.48 8.32 12.45
N PHE B 337 -24.27 7.85 12.10
CA PHE B 337 -24.13 6.46 11.65
C PHE B 337 -24.80 5.42 12.59
N GLU B 338 -24.59 5.59 13.89
CA GLU B 338 -25.09 4.67 14.88
C GLU B 338 -26.58 4.79 14.95
N GLN B 339 -27.14 5.96 14.61
CA GLN B 339 -28.63 6.17 14.63
C GLN B 339 -29.34 5.68 13.35
N GLY B 340 -28.61 5.39 12.29
CA GLY B 340 -29.23 4.73 11.16
C GLY B 340 -29.34 5.63 9.95
N GLN B 341 -29.83 5.09 8.86
CA GLN B 341 -29.92 5.81 7.64
C GLN B 341 -30.86 7.04 7.62
N ALA B 342 -31.84 7.07 8.53
CA ALA B 342 -32.66 8.28 8.63
C ALA B 342 -31.74 9.43 9.13
N ALA B 343 -30.92 9.15 10.14
CA ALA B 343 -30.01 10.14 10.73
C ALA B 343 -28.95 10.62 9.72
N THR B 344 -28.25 9.69 9.07
CA THR B 344 -27.25 10.11 8.07
C THR B 344 -27.87 10.83 6.87
N THR B 345 -29.03 10.39 6.39
CA THR B 345 -29.75 11.12 5.36
C THR B 345 -30.13 12.54 5.80
N ALA B 346 -30.71 12.67 7.00
CA ALA B 346 -31.14 13.98 7.54
C ALA B 346 -29.94 14.89 7.70
N LEU B 347 -28.82 14.30 8.17
CA LEU B 347 -27.59 15.07 8.40
C LEU B 347 -27.12 15.64 7.08
N ASN B 348 -27.03 14.78 6.07
CA ASN B 348 -26.50 15.21 4.78
C ASN B 348 -27.40 16.31 4.19
N ALA B 349 -28.71 16.12 4.31
CA ALA B 349 -29.68 17.08 3.80
C ALA B 349 -29.63 18.42 4.55
N ALA B 350 -29.60 18.36 5.89
CA ALA B 350 -29.52 19.57 6.72
C ALA B 350 -28.25 20.36 6.29
N ASN B 351 -27.14 19.64 6.11
CA ASN B 351 -25.88 20.23 5.74
C ASN B 351 -25.92 20.95 4.38
N GLU B 352 -26.58 20.40 3.38
CA GLU B 352 -26.76 21.14 2.10
C GLU B 352 -27.41 22.52 2.37
N ILE B 353 -28.42 22.51 3.23
CA ILE B 353 -29.10 23.72 3.52
C ILE B 353 -28.23 24.70 4.33
N THR B 354 -27.56 24.20 5.37
CA THR B 354 -26.88 25.14 6.28
C THR B 354 -25.61 25.69 5.58
N VAL B 355 -24.95 24.83 4.80
CA VAL B 355 -23.76 25.28 4.06
C VAL B 355 -24.17 26.40 3.07
N ALA B 356 -25.26 26.15 2.28
CA ALA B 356 -25.75 27.14 1.34
C ALA B 356 -26.09 28.44 2.09
N ALA B 357 -26.79 28.35 3.22
CA ALA B 357 -27.03 29.52 4.08
C ALA B 357 -25.74 30.28 4.50
N PHE B 358 -24.73 29.57 4.98
CA PHE B 358 -23.41 30.16 5.26
C PHE B 358 -22.79 30.85 4.07
N LEU B 359 -22.76 30.19 2.93
CA LEU B 359 -22.22 30.81 1.72
C LEU B 359 -22.97 32.07 1.29
N ALA B 360 -24.28 32.14 1.57
CA ALA B 360 -25.09 33.29 1.19
C ALA B 360 -25.14 34.29 2.34
N GLN B 361 -24.25 34.11 3.32
CA GLN B 361 -24.09 35.08 4.38
C GLN B 361 -25.34 35.27 5.24
N GLN B 362 -26.03 34.16 5.54
CA GLN B 362 -27.25 34.19 6.36
C GLN B 362 -27.02 33.69 7.78
N ILE B 363 -26.00 32.83 7.94
CA ILE B 363 -25.63 32.25 9.24
C ILE B 363 -24.10 32.31 9.32
N ARG B 364 -23.58 32.19 10.55
CA ARG B 364 -22.12 32.13 10.76
C ARG B 364 -21.52 30.78 10.45
N PHE B 365 -20.21 30.75 10.28
CA PHE B 365 -19.52 29.47 10.05
C PHE B 365 -19.84 28.43 11.11
N THR B 366 -19.80 28.79 12.39
CA THR B 366 -20.09 27.79 13.42
C THR B 366 -21.58 27.37 13.49
N ASP B 367 -22.47 28.09 12.80
CA ASP B 367 -23.87 27.77 12.83
C ASP B 367 -24.14 26.60 11.90
N ILE B 368 -23.19 26.23 11.04
CA ILE B 368 -23.41 24.99 10.18
C ILE B 368 -23.55 23.74 11.07
N ALA B 369 -22.54 23.48 11.90
CA ALA B 369 -22.57 22.35 12.86
C ALA B 369 -23.72 22.55 13.81
N ALA B 370 -23.94 23.77 14.28
CA ALA B 370 -24.99 23.89 15.33
C ALA B 370 -26.39 23.61 14.78
N LEU B 371 -26.67 24.02 13.56
CA LEU B 371 -28.02 23.81 13.00
C LEU B 371 -28.11 22.41 12.45
N ASN B 372 -27.00 21.85 11.95
CA ASN B 372 -27.00 20.44 11.59
C ASN B 372 -27.43 19.61 12.82
N LEU B 373 -26.85 19.90 13.98
CA LEU B 373 -27.26 19.24 15.22
C LEU B 373 -28.77 19.48 15.49
N SER B 374 -29.17 20.76 15.39
CA SER B 374 -30.52 21.09 15.75
C SER B 374 -31.49 20.31 14.88
N VAL B 375 -31.18 20.17 13.57
CA VAL B 375 -32.09 19.47 12.69
C VAL B 375 -32.18 18.01 13.12
N LEU B 376 -31.05 17.36 13.43
CA LEU B 376 -31.09 15.94 13.84
C LEU B 376 -31.83 15.77 15.16
N GLU B 377 -31.77 16.77 16.05
CA GLU B 377 -32.48 16.68 17.34
C GLU B 377 -33.96 16.75 17.13
N LYS B 378 -34.39 17.45 16.09
CA LYS B 378 -35.79 17.70 15.94
C LYS B 378 -36.47 16.53 15.28
N MET B 379 -35.68 15.70 14.59
CA MET B 379 -36.21 14.54 13.85
C MET B 379 -36.35 13.23 14.64
N ASP B 380 -37.45 12.57 14.34
CA ASP B 380 -37.85 11.37 15.04
C ASP B 380 -38.01 10.47 13.85
N MET B 381 -37.02 9.60 13.69
CA MET B 381 -36.68 9.09 12.40
C MET B 381 -36.74 7.54 12.31
N ARG B 382 -37.88 7.03 11.82
CA ARG B 382 -37.99 5.61 11.47
C ARG B 382 -36.99 5.26 10.33
N GLU B 383 -36.29 4.13 10.49
CA GLU B 383 -35.39 3.58 9.46
C GLU B 383 -35.99 3.47 8.01
N PRO B 384 -35.38 4.17 7.01
CA PRO B 384 -35.83 3.95 5.61
C PRO B 384 -35.88 2.49 5.19
N GLN B 385 -36.91 2.09 4.43
CA GLN B 385 -37.02 0.72 3.90
C GLN B 385 -36.84 0.72 2.38
N CYS B 386 -36.75 1.88 1.78
CA CYS B 386 -36.61 1.94 0.34
C CYS B 386 -36.16 3.33 -0.01
N VAL B 387 -35.82 3.52 -1.27
CA VAL B 387 -35.39 4.79 -1.74
C VAL B 387 -36.41 5.90 -1.53
N ASP B 388 -37.71 5.65 -1.74
CA ASP B 388 -38.72 6.69 -1.47
C ASP B 388 -38.77 7.16 0.00
N ASP B 389 -38.68 6.23 0.95
CA ASP B 389 -38.48 6.60 2.37
C ASP B 389 -37.28 7.58 2.54
N VAL B 390 -36.15 7.25 1.91
CA VAL B 390 -34.97 8.08 2.09
C VAL B 390 -35.25 9.46 1.52
N LEU B 391 -35.88 9.51 0.35
CA LEU B 391 -36.17 10.80 -0.27
C LEU B 391 -37.11 11.66 0.60
N SER B 392 -38.10 11.01 1.21
CA SER B 392 -38.98 11.66 2.17
C SER B 392 -38.20 12.14 3.46
N VAL B 393 -37.24 11.37 3.98
CA VAL B 393 -36.39 11.92 5.09
C VAL B 393 -35.61 13.17 4.60
N ASP B 394 -35.04 13.04 3.41
CA ASP B 394 -34.26 14.12 2.82
C ASP B 394 -35.12 15.41 2.71
N ALA B 395 -36.31 15.26 2.12
CA ALA B 395 -37.17 16.41 1.89
C ALA B 395 -37.57 17.07 3.22
N ASN B 396 -37.89 16.24 4.22
CA ASN B 396 -38.31 16.77 5.50
C ASN B 396 -37.16 17.39 6.27
N ALA B 397 -35.97 16.79 6.23
CA ALA B 397 -34.85 17.40 6.89
C ALA B 397 -34.46 18.79 6.27
N ARG B 398 -34.65 18.92 4.96
CA ARG B 398 -34.37 20.17 4.27
C ARG B 398 -35.34 21.24 4.74
N GLU B 399 -36.61 20.88 4.95
CA GLU B 399 -37.60 21.81 5.50
C GLU B 399 -37.31 22.16 6.94
N VAL B 400 -36.94 21.17 7.77
CA VAL B 400 -36.65 21.51 9.11
C VAL B 400 -35.40 22.47 9.12
N ALA B 401 -34.43 22.19 8.23
CA ALA B 401 -33.22 22.98 8.21
C ALA B 401 -33.52 24.41 7.68
N ARG B 402 -34.32 24.55 6.61
CA ARG B 402 -34.73 25.88 6.11
C ARG B 402 -35.35 26.72 7.24
N LYS B 403 -36.23 26.12 8.04
CA LYS B 403 -36.88 26.86 9.12
C LYS B 403 -35.89 27.30 10.18
N GLU B 404 -34.93 26.43 10.52
CA GLU B 404 -33.88 26.78 11.47
C GLU B 404 -33.00 27.94 10.98
N VAL B 405 -32.64 27.94 9.69
CA VAL B 405 -31.93 29.08 9.07
C VAL B 405 -32.74 30.37 9.21
N MET B 406 -34.05 30.31 8.92
CA MET B 406 -34.88 31.49 9.09
C MET B 406 -35.04 31.93 10.56
N ARG B 407 -35.01 31.02 11.50
CA ARG B 407 -34.92 31.42 12.90
C ARG B 407 -33.70 32.35 13.11
N LEU B 408 -32.57 32.09 12.44
CA LEU B 408 -31.35 32.87 12.72
C LEU B 408 -31.17 34.08 11.81
N ALA B 409 -31.67 33.96 10.58
CA ALA B 409 -31.33 34.85 9.47
C ALA B 409 -32.53 35.81 9.25
N SER B 410 -33.16 36.17 10.37
CA SER B 410 -34.45 36.98 10.49
C SER B 410 -35.64 36.62 9.59
MN MN C . 16.90 -3.92 4.75
C1 C0K D . 18.07 3.36 9.73
C2 C0K D . 18.71 2.69 8.66
C3 C0K D . 18.07 1.60 8.02
C4 C0K D . 16.80 1.17 8.45
C5 C0K D . 16.16 1.83 9.52
C6 C0K D . 16.78 2.92 10.15
C7 C0K D . 18.63 0.80 6.87
P8 C0K D . 19.13 1.79 5.39
O9 C0K D . 19.98 3.00 5.85
O10 C0K D . 19.86 0.86 4.45
O11 C0K D . 17.83 2.21 4.77
C12 C0K D . 19.54 -0.34 7.42
C13 C0K D . 18.61 -1.47 7.92
C14 C0K D . 17.76 -2.36 6.95
O15 C0K D . 18.08 -2.46 5.74
N16 C0K D . 16.67 -3.04 7.45
C17 C0K D . 16.13 -3.01 8.83
O18 C0K D . 15.99 -3.91 6.61
F19 C0K D . 14.95 1.44 10.00
F20 C0K D . 16.07 3.48 11.15
MN MN E . -13.17 12.35 -0.93
C1 C0K F . -7.85 19.57 0.40
C2 C0K F . -8.99 18.89 0.86
C3 C0K F . -9.32 17.61 0.39
C4 C0K F . -8.48 16.99 -0.58
C5 C0K F . -7.32 17.68 -1.04
C6 C0K F . -7.02 18.94 -0.53
C7 C0K F . -10.59 16.88 0.86
P8 C0K F . -10.72 16.64 2.70
O9 C0K F . -10.49 18.03 3.36
O10 C0K F . -12.08 16.09 3.12
O11 C0K F . -9.67 15.62 2.98
C12 C0K F . -11.80 17.41 0.04
C13 C0K F . -11.67 16.81 -1.39
C14 C0K F . -11.93 15.30 -1.62
O15 C0K F . -12.81 14.74 -0.94
N16 C0K F . -11.23 14.51 -2.54
C17 C0K F . -10.09 14.78 -3.46
O18 C0K F . -11.76 13.22 -2.56
F19 C0K F . -6.47 17.16 -1.98
F20 C0K F . -5.92 19.55 -1.00
#